data_1J88
#
_entry.id   1J88
#
_cell.length_a   145.080
_cell.length_b   145.080
_cell.length_c   62.740
_cell.angle_alpha   90.00
_cell.angle_beta   90.00
_cell.angle_gamma   90.00
#
_symmetry.space_group_name_H-M   'P 43'
#
loop_
_entity.id
_entity.type
_entity.pdbx_description
1 polymer 'HIGH AFFINITY IMMUNOGLOBULIN EPSILON RECEPTOR ALPHA-SUBUNIT'
2 branched beta-D-mannopyranose-(1-4)-2-acetamido-2-deoxy-beta-D-glucopyranose-(1-4)-2-acetamido-2-deoxy-beta-D-glucopyranose
3 branched alpha-D-mannopyranose-(1-3)-alpha-D-mannopyranose-(1-4)-2-acetamido-2-deoxy-beta-D-glucopyranose-(1-4)-2-acetamido-2-deoxy-beta-D-glucopyranose
4 branched 2-acetamido-2-deoxy-beta-D-glucopyranose-(1-4)-2-acetamido-2-deoxy-beta-D-glucopyranose
5 branched alpha-D-mannopyranose-(1-6)-beta-D-mannopyranose-(1-4)-2-acetamido-2-deoxy-beta-D-glucopyranose-(1-4)-2-acetamido-2-deoxy-beta-D-glucopyranose
6 non-polymer 2-acetamido-2-deoxy-beta-D-glucopyranose
#
_entity_poly.entity_id   1
_entity_poly.type   'polypeptide(L)'
_entity_poly.pdbx_seq_one_letter_code
;VPQKPKVSLNPPWNRIFKGENVTLTCNGNNFFEVSSTKWFHNGSLSEETNSSLNIVNAKFEDSGEYKCQHQQVNESEPVY
LEVFSDWLLLQASAEVVMEGQPLFLRCHGWRNWDVYKVIYYKDGEALKYWYENHNISITNATVEDSGTYYCTGKVWQLDY
ESEPLNITVIKA
;
_entity_poly.pdbx_strand_id   A,B,C,D,E
#
loop_
_chem_comp.id
_chem_comp.type
_chem_comp.name
_chem_comp.formula
BMA D-saccharide, beta linking beta-D-mannopyranose 'C6 H12 O6'
MAN D-saccharide, alpha linking alpha-D-mannopyranose 'C6 H12 O6'
NAG D-saccharide, beta linking 2-acetamido-2-deoxy-beta-D-glucopyranose 'C8 H15 N O6'
#
# COMPACT_ATOMS: atom_id res chain seq x y z
N LYS A 4 -7.39 9.78 35.89
CA LYS A 4 -6.53 10.62 35.02
C LYS A 4 -7.11 10.71 33.61
N PRO A 5 -8.16 11.52 33.44
CA PRO A 5 -8.84 11.73 32.16
C PRO A 5 -8.11 12.73 31.26
N LYS A 6 -8.24 12.56 29.95
CA LYS A 6 -7.56 13.47 29.01
C LYS A 6 -8.47 13.95 27.89
N VAL A 7 -8.69 15.26 27.79
CA VAL A 7 -9.57 15.82 26.75
C VAL A 7 -8.93 15.76 25.38
N SER A 8 -9.63 15.15 24.43
CA SER A 8 -9.11 15.06 23.07
C SER A 8 -9.99 15.93 22.20
N LEU A 9 -9.50 16.29 21.01
CA LEU A 9 -10.27 17.11 20.10
C LEU A 9 -10.39 16.48 18.73
N ASN A 10 -11.45 16.84 18.02
CA ASN A 10 -11.66 16.32 16.68
C ASN A 10 -12.50 17.30 15.88
N PRO A 11 -11.90 17.94 14.86
CA PRO A 11 -10.51 17.84 14.39
C PRO A 11 -9.48 18.08 15.50
N PRO A 12 -8.22 17.70 15.28
CA PRO A 12 -7.16 17.88 16.29
C PRO A 12 -6.85 19.37 16.48
N TRP A 13 -7.15 20.15 15.44
CA TRP A 13 -6.89 21.58 15.47
C TRP A 13 -7.43 22.26 16.72
N ASN A 14 -6.56 22.94 17.46
CA ASN A 14 -7.01 23.61 18.65
C ASN A 14 -7.04 25.13 18.47
N ARG A 15 -6.97 25.58 17.23
CA ARG A 15 -7.04 27.01 16.88
C ARG A 15 -7.99 27.01 15.69
N ILE A 16 -9.19 27.54 15.87
CA ILE A 16 -10.13 27.49 14.78
C ILE A 16 -10.74 28.81 14.43
N PHE A 17 -11.35 28.84 13.26
CA PHE A 17 -12.00 30.01 12.72
C PHE A 17 -13.39 30.20 13.32
N LYS A 18 -13.87 31.43 13.26
CA LYS A 18 -15.19 31.74 13.77
C LYS A 18 -16.23 30.97 12.96
N GLY A 19 -17.09 30.26 13.67
CA GLY A 19 -18.15 29.54 13.00
C GLY A 19 -17.92 28.08 12.71
N GLU A 20 -16.71 27.60 12.95
CA GLU A 20 -16.44 26.20 12.71
C GLU A 20 -16.89 25.33 13.87
N ASN A 21 -16.80 24.02 13.69
CA ASN A 21 -17.25 23.10 14.72
C ASN A 21 -16.17 22.15 15.16
N VAL A 22 -16.16 21.86 16.45
CA VAL A 22 -15.17 20.97 17.02
C VAL A 22 -15.80 20.21 18.16
N THR A 23 -15.34 18.97 18.36
CA THR A 23 -15.88 18.10 19.40
C THR A 23 -14.87 17.73 20.47
N LEU A 24 -15.20 17.97 21.73
CA LEU A 24 -14.27 17.61 22.81
C LEU A 24 -14.67 16.33 23.55
N THR A 25 -14.03 15.22 23.21
CA THR A 25 -14.29 13.91 23.83
C THR A 25 -13.51 13.79 25.14
N CYS A 26 -14.17 13.38 26.22
CA CYS A 26 -13.48 13.24 27.47
C CYS A 26 -12.59 12.00 27.59
N ASN A 27 -12.20 11.40 26.46
CA ASN A 27 -11.30 10.24 26.45
C ASN A 27 -11.00 9.59 25.08
N GLY A 28 -9.89 8.85 25.05
CA GLY A 28 -9.41 8.12 23.88
C GLY A 28 -10.08 8.17 22.51
N ASN A 29 -10.81 7.10 22.19
CA ASN A 29 -11.51 6.97 20.90
C ASN A 29 -12.98 7.30 20.98
N ASN A 30 -13.54 7.72 19.85
CA ASN A 30 -14.96 8.08 19.80
C ASN A 30 -15.85 6.84 19.70
N PHE A 31 -15.26 5.66 19.86
CA PHE A 31 -16.03 4.40 19.81
C PHE A 31 -16.56 4.12 21.21
N PHE A 32 -16.00 4.81 22.20
CA PHE A 32 -16.40 4.64 23.59
C PHE A 32 -17.34 5.74 24.11
N GLU A 33 -18.29 5.33 24.94
CA GLU A 33 -19.28 6.24 25.55
C GLU A 33 -19.29 6.11 27.07
N VAL A 34 -19.84 7.12 27.74
CA VAL A 34 -19.93 7.17 29.19
C VAL A 34 -20.93 8.27 29.58
N SER A 35 -21.43 8.21 30.81
CA SER A 35 -22.36 9.22 31.32
C SER A 35 -21.80 9.81 32.63
N SER A 36 -22.40 10.89 33.10
CA SER A 36 -21.99 11.59 34.32
C SER A 36 -20.58 12.16 34.20
N THR A 37 -20.40 13.05 33.24
CA THR A 37 -19.13 13.71 32.98
C THR A 37 -19.28 15.19 33.33
N LYS A 38 -18.18 15.84 33.73
CA LYS A 38 -18.22 17.26 34.09
C LYS A 38 -17.36 18.13 33.16
N TRP A 39 -17.92 19.24 32.69
CA TRP A 39 -17.18 20.14 31.80
C TRP A 39 -17.01 21.52 32.40
N PHE A 40 -15.78 22.03 32.39
CA PHE A 40 -15.55 23.33 32.95
C PHE A 40 -14.96 24.28 31.96
N HIS A 41 -15.81 25.12 31.39
CA HIS A 41 -15.38 26.14 30.42
C HIS A 41 -14.95 27.39 31.19
N ASN A 42 -13.65 27.65 31.25
CA ASN A 42 -13.10 28.81 31.94
C ASN A 42 -13.26 28.65 33.43
N GLY A 43 -13.45 27.42 33.89
CA GLY A 43 -13.67 27.17 35.30
C GLY A 43 -15.14 26.99 35.68
N SER A 44 -16.02 27.72 35.02
CA SER A 44 -17.46 27.65 35.28
C SER A 44 -17.99 26.31 34.77
N LEU A 45 -18.73 25.59 35.61
CA LEU A 45 -19.28 24.30 35.22
C LEU A 45 -20.24 24.44 34.03
N SER A 46 -20.20 23.46 33.13
CA SER A 46 -21.06 23.48 31.95
C SER A 46 -22.30 22.66 32.20
N GLU A 47 -23.28 22.83 31.33
CA GLU A 47 -24.55 22.15 31.47
C GLU A 47 -24.61 20.78 30.80
N GLU A 48 -23.59 20.45 30.02
CA GLU A 48 -23.59 19.15 29.35
C GLU A 48 -23.06 18.04 30.26
N THR A 49 -23.49 16.82 30.01
CA THR A 49 -23.06 15.69 30.80
C THR A 49 -22.54 14.57 29.90
N ASN A 50 -22.99 14.57 28.66
CA ASN A 50 -22.50 13.57 27.71
C ASN A 50 -20.98 13.65 27.79
N SER A 51 -20.28 12.55 27.59
CA SER A 51 -18.83 12.62 27.63
C SER A 51 -18.29 13.40 26.41
N SER A 52 -19.14 13.60 25.40
CA SER A 52 -18.75 14.34 24.21
C SER A 52 -19.47 15.68 24.17
N LEU A 53 -18.70 16.75 24.35
CA LEU A 53 -19.22 18.11 24.35
C LEU A 53 -18.97 18.77 23.02
N ASN A 54 -20.03 18.89 22.22
CA ASN A 54 -19.92 19.50 20.91
C ASN A 54 -19.89 21.02 20.98
N ILE A 55 -19.43 21.62 19.89
CA ILE A 55 -19.35 23.06 19.76
C ILE A 55 -19.73 23.35 18.33
N VAL A 56 -20.78 24.14 18.15
CA VAL A 56 -21.24 24.49 16.81
C VAL A 56 -20.79 25.92 16.52
N ASN A 57 -21.27 26.51 15.43
CA ASN A 57 -20.90 27.87 15.00
C ASN A 57 -20.09 28.65 16.02
N ALA A 58 -18.82 28.27 16.13
CA ALA A 58 -17.91 28.87 17.10
C ALA A 58 -18.00 30.38 17.20
N LYS A 59 -18.18 30.85 18.42
CA LYS A 59 -18.26 32.27 18.71
C LYS A 59 -16.96 32.56 19.44
N PHE A 60 -16.52 33.80 19.40
CA PHE A 60 -15.31 34.15 20.12
C PHE A 60 -15.38 33.69 21.59
N GLU A 61 -16.57 33.75 22.17
CA GLU A 61 -16.79 33.35 23.56
C GLU A 61 -16.44 31.90 23.82
N ASP A 62 -16.43 31.09 22.77
CA ASP A 62 -16.12 29.68 22.92
C ASP A 62 -14.65 29.50 23.17
N SER A 63 -13.86 30.51 22.83
CA SER A 63 -12.42 30.43 23.07
C SER A 63 -12.28 30.23 24.57
N GLY A 64 -11.34 29.42 25.02
CA GLY A 64 -11.21 29.27 26.45
C GLY A 64 -10.44 28.06 26.93
N GLU A 65 -10.51 27.84 28.24
CA GLU A 65 -9.86 26.71 28.89
C GLU A 65 -10.95 25.67 29.18
N TYR A 66 -10.76 24.43 28.73
CA TYR A 66 -11.74 23.38 29.00
C TYR A 66 -11.12 22.20 29.71
N LYS A 67 -11.96 21.47 30.46
CA LYS A 67 -11.53 20.28 31.19
C LYS A 67 -12.73 19.45 31.62
N CYS A 68 -12.52 18.15 31.81
CA CYS A 68 -13.60 17.28 32.24
C CYS A 68 -13.18 16.47 33.44
N GLN A 69 -14.14 15.89 34.15
CA GLN A 69 -13.89 15.08 35.34
C GLN A 69 -15.02 14.07 35.51
N HIS A 70 -14.75 12.99 36.24
CA HIS A 70 -15.76 11.96 36.47
C HIS A 70 -16.21 11.89 37.92
N GLN A 71 -16.99 10.87 38.24
CA GLN A 71 -17.51 10.70 39.60
C GLN A 71 -16.39 10.66 40.63
N GLN A 72 -15.44 9.75 40.46
CA GLN A 72 -14.34 9.62 41.39
C GLN A 72 -12.99 9.76 40.68
N VAL A 73 -12.75 10.94 40.11
CA VAL A 73 -11.49 11.17 39.40
C VAL A 73 -11.12 12.65 39.47
N ASN A 74 -9.83 12.92 39.36
CA ASN A 74 -9.38 14.30 39.39
C ASN A 74 -9.53 14.85 37.96
N GLU A 75 -9.98 16.10 37.86
CA GLU A 75 -10.17 16.79 36.58
C GLU A 75 -8.95 16.68 35.68
N SER A 76 -9.19 16.70 34.37
CA SER A 76 -8.14 16.59 33.37
C SER A 76 -7.31 17.83 33.20
N GLU A 77 -6.13 17.66 32.61
CA GLU A 77 -5.25 18.80 32.37
C GLU A 77 -6.04 19.62 31.39
N PRO A 78 -6.09 20.93 31.63
CA PRO A 78 -6.84 21.83 30.77
C PRO A 78 -6.38 21.89 29.32
N VAL A 79 -7.30 22.28 28.46
CA VAL A 79 -7.00 22.43 27.06
C VAL A 79 -7.56 23.74 26.54
N TYR A 80 -6.69 24.51 25.88
CA TYR A 80 -7.08 25.83 25.42
C TYR A 80 -7.47 25.90 23.97
N LEU A 81 -8.65 26.42 23.73
CA LEU A 81 -9.13 26.54 22.38
C LEU A 81 -9.16 28.02 22.02
N GLU A 82 -8.61 28.38 20.87
CA GLU A 82 -8.66 29.78 20.46
C GLU A 82 -9.37 29.97 19.11
N VAL A 83 -10.31 30.91 19.05
CA VAL A 83 -11.05 31.17 17.83
C VAL A 83 -10.57 32.40 17.09
N PHE A 84 -10.45 32.29 15.77
CA PHE A 84 -9.95 33.38 14.96
C PHE A 84 -10.82 33.83 13.82
N SER A 85 -10.51 35.04 13.37
CA SER A 85 -11.16 35.67 12.25
C SER A 85 -10.00 36.24 11.43
N ASP A 86 -9.73 35.65 10.26
CA ASP A 86 -8.63 36.11 9.42
C ASP A 86 -8.63 35.31 8.11
N TRP A 87 -7.89 35.78 7.13
CA TRP A 87 -7.87 35.09 5.84
C TRP A 87 -7.26 33.71 5.98
N LEU A 88 -6.08 33.64 6.59
CA LEU A 88 -5.39 32.37 6.78
C LEU A 88 -5.07 32.09 8.24
N LEU A 89 -5.14 30.82 8.61
CA LEU A 89 -4.86 30.44 9.98
C LEU A 89 -3.94 29.25 9.97
N LEU A 90 -2.81 29.34 10.66
CA LEU A 90 -1.89 28.21 10.68
C LEU A 90 -2.29 27.27 11.81
N GLN A 91 -2.65 26.04 11.46
CA GLN A 91 -3.07 25.09 12.50
C GLN A 91 -2.02 24.05 12.87
N ALA A 92 -1.95 23.70 14.15
CA ALA A 92 -0.97 22.72 14.56
C ALA A 92 -1.59 21.59 15.34
N SER A 93 -1.11 20.38 15.12
CA SER A 93 -1.64 19.24 15.81
C SER A 93 -1.45 19.55 17.28
N ALA A 94 -0.20 19.79 17.65
CA ALA A 94 0.15 20.10 19.03
C ALA A 94 1.14 21.24 18.99
N GLU A 95 1.08 22.14 19.97
CA GLU A 95 2.01 23.27 20.00
C GLU A 95 3.31 22.91 20.73
N VAL A 96 3.29 21.87 21.57
CA VAL A 96 4.50 21.41 22.27
C VAL A 96 4.59 19.92 21.97
N VAL A 97 5.75 19.45 21.51
CA VAL A 97 5.92 18.05 21.11
C VAL A 97 7.18 17.40 21.65
N MET A 98 7.04 16.16 22.14
CA MET A 98 8.17 15.43 22.71
C MET A 98 9.05 14.83 21.60
N GLU A 99 10.36 15.08 21.64
CA GLU A 99 11.27 14.61 20.60
C GLU A 99 10.84 13.21 20.20
N GLY A 100 10.59 13.02 18.91
CA GLY A 100 10.20 11.69 18.46
C GLY A 100 8.76 11.50 18.04
N GLN A 101 7.88 12.39 18.46
CA GLN A 101 6.47 12.28 18.10
C GLN A 101 6.13 12.94 16.76
N PRO A 102 4.90 12.73 16.30
CA PRO A 102 4.51 13.33 15.02
C PRO A 102 4.07 14.76 15.20
N LEU A 103 4.20 15.56 14.14
CA LEU A 103 3.80 16.96 14.18
C LEU A 103 3.12 17.36 12.87
N PHE A 104 1.91 17.92 12.94
CA PHE A 104 1.21 18.32 11.71
C PHE A 104 0.86 19.78 11.67
N LEU A 105 1.28 20.47 10.62
CA LEU A 105 0.94 21.86 10.46
C LEU A 105 0.04 21.95 9.25
N ARG A 106 -0.94 22.84 9.29
CA ARG A 106 -1.88 22.99 8.19
C ARG A 106 -2.16 24.47 7.94
N CYS A 107 -2.02 24.91 6.69
CA CYS A 107 -2.31 26.31 6.35
C CYS A 107 -3.78 26.26 5.99
N HIS A 108 -4.61 26.79 6.87
CA HIS A 108 -6.04 26.77 6.68
C HIS A 108 -6.61 28.09 6.19
N GLY A 109 -7.40 28.01 5.11
CA GLY A 109 -8.03 29.19 4.54
C GLY A 109 -9.41 29.42 5.11
N TRP A 110 -9.83 30.68 5.19
CA TRP A 110 -11.13 31.03 5.74
C TRP A 110 -12.27 30.33 5.01
N ARG A 111 -13.37 30.15 5.72
CA ARG A 111 -14.54 29.46 5.15
C ARG A 111 -14.18 28.18 4.40
N ASN A 112 -12.99 27.67 4.64
CA ASN A 112 -12.53 26.45 4.00
C ASN A 112 -12.34 26.66 2.49
N TRP A 113 -12.13 27.90 2.07
CA TRP A 113 -11.93 28.14 0.66
C TRP A 113 -10.68 27.42 0.23
N ASP A 114 -10.24 27.67 -1.00
CA ASP A 114 -9.04 27.05 -1.53
C ASP A 114 -7.91 28.06 -1.59
N VAL A 115 -6.71 27.58 -1.29
CA VAL A 115 -5.53 28.44 -1.34
C VAL A 115 -4.51 27.90 -2.32
N TYR A 116 -3.81 28.82 -3.00
CA TYR A 116 -2.83 28.40 -3.97
C TYR A 116 -1.48 29.06 -3.73
N LYS A 117 -0.45 28.56 -4.39
CA LYS A 117 0.88 29.11 -4.22
C LYS A 117 1.16 29.25 -2.73
N VAL A 118 1.05 28.13 -2.02
CA VAL A 118 1.29 28.12 -0.56
C VAL A 118 2.75 27.89 -0.16
N ILE A 119 3.18 28.67 0.83
CA ILE A 119 4.55 28.57 1.29
C ILE A 119 4.58 28.60 2.81
N TYR A 120 5.17 27.59 3.44
CA TYR A 120 5.27 27.60 4.88
C TYR A 120 6.60 28.21 5.25
N TYR A 121 6.62 29.03 6.29
CA TYR A 121 7.86 29.65 6.73
C TYR A 121 8.22 29.27 8.17
N LYS A 122 9.51 29.01 8.38
CA LYS A 122 10.00 28.71 9.71
C LYS A 122 11.16 29.64 10.04
N ASP A 123 11.00 30.47 11.05
CA ASP A 123 12.04 31.40 11.45
C ASP A 123 12.44 32.33 10.32
N GLY A 124 11.44 32.83 9.59
CA GLY A 124 11.69 33.75 8.50
C GLY A 124 12.21 33.13 7.21
N GLU A 125 12.52 31.84 7.25
CA GLU A 125 13.04 31.14 6.08
C GLU A 125 11.94 30.43 5.32
N ALA A 126 12.01 30.42 3.99
CA ALA A 126 11.02 29.72 3.19
C ALA A 126 11.24 28.25 3.56
N LEU A 127 10.22 27.40 3.47
CA LEU A 127 10.42 26.01 3.86
C LEU A 127 9.88 25.00 2.89
N LYS A 128 8.62 25.13 2.49
CA LYS A 128 8.03 24.22 1.51
C LYS A 128 7.11 25.07 0.61
N TYR A 129 6.85 24.62 -0.61
CA TYR A 129 5.98 25.37 -1.51
C TYR A 129 5.15 24.43 -2.37
N TRP A 130 3.88 24.76 -2.56
CA TRP A 130 2.97 23.94 -3.36
C TRP A 130 1.99 24.80 -4.16
N TYR A 131 1.51 24.29 -5.29
CA TYR A 131 0.52 25.08 -6.00
C TYR A 131 -0.75 24.92 -5.17
N GLU A 132 -1.45 23.80 -5.36
CA GLU A 132 -2.67 23.53 -4.60
C GLU A 132 -2.10 23.15 -3.24
N ASN A 133 -2.45 23.93 -2.21
CA ASN A 133 -1.92 23.70 -0.87
C ASN A 133 -2.01 22.28 -0.35
N HIS A 134 -1.13 22.02 0.60
CA HIS A 134 -0.99 20.70 1.20
C HIS A 134 -0.56 20.98 2.63
N ASN A 135 -0.97 20.14 3.56
CA ASN A 135 -0.59 20.33 4.96
C ASN A 135 0.75 19.67 5.23
N ILE A 136 1.75 20.44 5.68
CA ILE A 136 3.05 19.83 5.97
C ILE A 136 2.97 18.92 7.19
N SER A 137 3.55 17.75 7.05
CA SER A 137 3.53 16.75 8.10
C SER A 137 4.92 16.23 8.45
N ILE A 138 5.08 15.75 9.67
CA ILE A 138 6.33 15.22 10.19
C ILE A 138 6.06 13.98 11.07
N THR A 139 6.70 12.86 10.75
CA THR A 139 6.52 11.61 11.50
C THR A 139 7.34 11.58 12.78
N ASN A 140 8.66 11.48 12.65
CA ASN A 140 9.56 11.47 13.83
C ASN A 140 10.08 12.89 13.94
N ALA A 141 9.73 13.57 15.04
CA ALA A 141 10.14 14.96 15.19
C ALA A 141 11.50 15.20 15.84
N THR A 142 12.35 16.01 15.19
CA THR A 142 13.68 16.35 15.70
C THR A 142 13.49 17.53 16.65
N VAL A 143 14.52 17.93 17.35
CA VAL A 143 14.38 19.07 18.25
C VAL A 143 14.71 20.32 17.46
N GLU A 144 15.21 20.12 16.25
CA GLU A 144 15.57 21.24 15.41
C GLU A 144 14.35 21.84 14.78
N ASP A 145 13.30 21.05 14.77
CA ASP A 145 12.05 21.47 14.17
C ASP A 145 11.34 22.52 14.97
N SER A 146 11.81 22.79 16.18
CA SER A 146 11.17 23.81 17.02
C SER A 146 11.42 25.13 16.30
N GLY A 147 10.46 26.03 16.36
CA GLY A 147 10.66 27.28 15.68
C GLY A 147 9.33 27.99 15.55
N THR A 148 9.35 29.17 14.95
CA THR A 148 8.11 29.91 14.79
C THR A 148 7.73 29.87 13.32
N TYR A 149 6.58 29.28 13.08
CA TYR A 149 6.05 29.10 11.74
C TYR A 149 4.95 30.09 11.41
N TYR A 150 4.70 30.17 10.10
CA TYR A 150 3.63 30.98 9.52
C TYR A 150 3.60 30.64 8.04
N CYS A 151 2.44 30.80 7.40
CA CYS A 151 2.33 30.48 5.99
C CYS A 151 1.77 31.61 5.17
N THR A 152 2.05 31.58 3.87
CA THR A 152 1.58 32.58 2.94
C THR A 152 0.85 31.84 1.83
N GLY A 153 -0.15 32.50 1.25
CA GLY A 153 -0.91 31.88 0.18
C GLY A 153 -1.75 32.91 -0.56
N LYS A 154 -2.26 32.57 -1.73
CA LYS A 154 -3.07 33.49 -2.49
C LYS A 154 -4.50 32.93 -2.43
N VAL A 155 -5.45 33.77 -2.06
CA VAL A 155 -6.86 33.41 -1.96
C VAL A 155 -7.60 34.23 -2.98
N TRP A 156 -8.45 33.58 -3.77
CA TRP A 156 -9.16 34.29 -4.82
C TRP A 156 -8.08 34.77 -5.75
N GLN A 157 -7.65 36.00 -5.55
CA GLN A 157 -6.61 36.57 -6.39
C GLN A 157 -5.66 37.47 -5.63
N LEU A 158 -5.72 37.43 -4.30
CA LEU A 158 -4.82 38.24 -3.50
C LEU A 158 -3.94 37.41 -2.57
N ASP A 159 -2.80 37.96 -2.19
CA ASP A 159 -1.87 37.27 -1.32
C ASP A 159 -2.14 37.60 0.14
N TYR A 160 -1.99 36.60 0.99
CA TYR A 160 -2.21 36.79 2.42
C TYR A 160 -1.19 36.06 3.30
N GLU A 161 -0.90 36.65 4.45
CA GLU A 161 0.04 36.08 5.40
C GLU A 161 -0.70 35.75 6.69
N SER A 162 -0.31 34.64 7.31
CA SER A 162 -0.95 34.17 8.54
C SER A 162 -0.27 34.64 9.82
N GLU A 163 -0.97 34.48 10.95
CA GLU A 163 -0.41 34.85 12.22
C GLU A 163 0.67 33.86 12.49
N PRO A 164 1.78 34.32 13.06
CA PRO A 164 2.90 33.42 13.36
C PRO A 164 2.52 32.50 14.51
N LEU A 165 3.17 31.35 14.57
CA LEU A 165 2.87 30.39 15.63
C LEU A 165 4.13 29.73 16.13
N ASN A 166 4.40 29.84 17.43
CA ASN A 166 5.60 29.22 17.96
C ASN A 166 5.37 27.76 18.25
N ILE A 167 6.41 26.95 18.09
CA ILE A 167 6.31 25.52 18.30
C ILE A 167 7.53 24.99 19.00
N THR A 168 7.32 24.22 20.04
CA THR A 168 8.45 23.68 20.77
C THR A 168 8.47 22.19 20.81
N VAL A 169 9.65 21.64 20.61
CA VAL A 169 9.86 20.20 20.68
C VAL A 169 10.87 19.97 21.81
N ILE A 170 10.39 19.46 22.93
CA ILE A 170 11.25 19.21 24.08
C ILE A 170 11.83 17.80 23.98
N LYS A 171 12.75 17.47 24.86
CA LYS A 171 13.37 16.15 24.83
C LYS A 171 13.31 15.42 26.16
N LYS B 4 2.24 -12.53 -2.55
CA LYS B 4 2.51 -12.38 -4.01
C LYS B 4 1.33 -12.83 -4.88
N PRO B 5 0.30 -12.00 -5.02
CA PRO B 5 -0.91 -12.26 -5.80
C PRO B 5 -0.74 -12.04 -7.29
N LYS B 6 -1.63 -12.63 -8.10
CA LYS B 6 -1.51 -12.51 -9.54
C LYS B 6 -2.87 -12.48 -10.22
N VAL B 7 -3.15 -11.37 -10.89
CA VAL B 7 -4.41 -11.23 -11.58
C VAL B 7 -4.51 -12.11 -12.81
N SER B 8 -5.53 -12.94 -12.87
CA SER B 8 -5.74 -13.81 -14.03
C SER B 8 -6.97 -13.31 -14.76
N LEU B 9 -7.10 -13.67 -16.03
CA LEU B 9 -8.25 -13.24 -16.84
C LEU B 9 -9.02 -14.43 -17.43
N ASN B 10 -10.30 -14.23 -17.69
CA ASN B 10 -11.12 -15.27 -18.28
C ASN B 10 -12.28 -14.64 -19.03
N PRO B 11 -12.28 -14.73 -20.36
CA PRO B 11 -11.28 -15.36 -21.25
C PRO B 11 -9.85 -14.86 -21.01
N PRO B 12 -8.84 -15.58 -21.50
CA PRO B 12 -7.44 -15.18 -21.32
C PRO B 12 -7.11 -13.93 -22.14
N TRP B 13 -7.92 -13.68 -23.16
CA TRP B 13 -7.74 -12.55 -24.05
C TRP B 13 -7.65 -11.24 -23.27
N ASN B 14 -6.55 -10.52 -23.45
CA ASN B 14 -6.39 -9.25 -22.76
C ASN B 14 -6.57 -8.07 -23.70
N ARG B 15 -7.13 -8.33 -24.87
CA ARG B 15 -7.41 -7.30 -25.86
C ARG B 15 -8.82 -7.64 -26.31
N ILE B 16 -9.81 -6.83 -25.96
CA ILE B 16 -11.16 -7.17 -26.35
C ILE B 16 -11.90 -6.08 -27.06
N PHE B 17 -13.02 -6.48 -27.65
CA PHE B 17 -13.90 -5.59 -28.40
C PHE B 17 -14.83 -4.83 -27.47
N LYS B 18 -15.31 -3.70 -27.97
CA LYS B 18 -16.23 -2.88 -27.20
C LYS B 18 -17.50 -3.68 -26.93
N GLY B 19 -17.87 -3.77 -25.66
CA GLY B 19 -19.08 -4.48 -25.32
C GLY B 19 -18.98 -5.91 -24.83
N GLU B 20 -17.83 -6.55 -24.95
CA GLU B 20 -17.72 -7.93 -24.50
C GLU B 20 -17.54 -7.94 -23.00
N ASN B 21 -17.35 -9.12 -22.43
CA ASN B 21 -17.16 -9.21 -20.98
C ASN B 21 -15.87 -9.94 -20.70
N VAL B 22 -15.42 -9.82 -19.46
CA VAL B 22 -14.20 -10.45 -19.01
C VAL B 22 -14.25 -10.42 -17.49
N THR B 23 -13.57 -11.38 -16.88
CA THR B 23 -13.56 -11.47 -15.45
C THR B 23 -12.14 -11.50 -14.90
N LEU B 24 -11.83 -10.63 -13.95
CA LEU B 24 -10.48 -10.60 -13.39
C LEU B 24 -10.42 -11.20 -12.00
N THR B 25 -9.98 -12.44 -11.92
CA THR B 25 -9.88 -13.14 -10.65
C THR B 25 -8.59 -12.71 -9.94
N CYS B 26 -8.62 -12.62 -8.61
CA CYS B 26 -7.42 -12.20 -7.88
C CYS B 26 -6.52 -13.30 -7.29
N ASN B 27 -6.29 -14.32 -8.10
CA ASN B 27 -5.41 -15.44 -7.80
C ASN B 27 -5.26 -16.23 -9.09
N GLY B 28 -4.07 -16.80 -9.30
CA GLY B 28 -3.81 -17.53 -10.53
C GLY B 28 -4.52 -18.84 -10.75
N ASN B 29 -5.75 -18.73 -11.23
CA ASN B 29 -6.56 -19.89 -11.55
C ASN B 29 -6.68 -20.92 -10.43
N ASN B 30 -7.07 -20.45 -9.26
CA ASN B 30 -7.28 -21.29 -8.09
C ASN B 30 -8.57 -20.75 -7.45
N PHE B 31 -9.41 -21.69 -7.00
CA PHE B 31 -10.76 -21.44 -6.49
C PHE B 31 -11.15 -20.89 -5.10
N PHE B 32 -10.23 -20.37 -4.30
CA PHE B 32 -10.65 -19.86 -2.98
C PHE B 32 -10.89 -18.37 -2.93
N GLU B 33 -12.14 -18.00 -2.63
CA GLU B 33 -12.55 -16.59 -2.55
C GLU B 33 -12.60 -16.04 -1.12
N VAL B 34 -11.78 -15.02 -0.85
CA VAL B 34 -11.66 -14.39 0.47
C VAL B 34 -12.09 -12.92 0.58
N SER B 35 -11.96 -12.38 1.79
CA SER B 35 -12.35 -11.01 2.11
C SER B 35 -11.19 -10.00 2.06
N SER B 36 -11.56 -8.73 2.16
CA SER B 36 -10.65 -7.59 2.16
C SER B 36 -9.68 -7.58 0.98
N THR B 37 -10.24 -7.66 -0.22
CA THR B 37 -9.45 -7.64 -1.43
C THR B 37 -9.55 -6.21 -1.96
N LYS B 38 -8.58 -5.83 -2.79
CA LYS B 38 -8.54 -4.47 -3.35
C LYS B 38 -8.30 -4.45 -4.88
N TRP B 39 -8.95 -3.51 -5.57
CA TRP B 39 -8.79 -3.38 -7.01
C TRP B 39 -8.43 -1.96 -7.38
N PHE B 40 -7.38 -1.81 -8.17
CA PHE B 40 -6.94 -0.48 -8.56
C PHE B 40 -6.94 -0.31 -10.07
N HIS B 41 -8.00 0.31 -10.58
CA HIS B 41 -8.12 0.57 -11.99
C HIS B 41 -7.45 1.91 -12.30
N ASN B 42 -6.31 1.87 -13.00
CA ASN B 42 -5.57 3.10 -13.33
C ASN B 42 -5.12 3.77 -12.02
N GLY B 43 -4.76 2.95 -11.02
CA GLY B 43 -4.31 3.49 -9.75
C GLY B 43 -5.40 3.85 -8.74
N SER B 44 -6.52 4.33 -9.25
CA SER B 44 -7.65 4.71 -8.39
C SER B 44 -8.30 3.47 -7.81
N LEU B 45 -8.51 3.46 -6.50
CA LEU B 45 -9.13 2.30 -5.85
C LEU B 45 -10.53 2.04 -6.39
N SER B 46 -10.88 0.77 -6.56
CA SER B 46 -12.20 0.40 -7.06
C SER B 46 -13.14 0.15 -5.91
N GLU B 47 -14.43 0.10 -6.21
CA GLU B 47 -15.44 -0.11 -5.18
C GLU B 47 -15.75 -1.57 -4.93
N GLU B 48 -15.20 -2.44 -5.78
CA GLU B 48 -15.43 -3.86 -5.62
C GLU B 48 -14.53 -4.40 -4.50
N THR B 49 -14.91 -5.53 -3.91
CA THR B 49 -14.14 -6.16 -2.84
C THR B 49 -14.01 -7.67 -3.05
N ASN B 50 -15.01 -8.29 -3.68
CA ASN B 50 -14.94 -9.72 -3.94
C ASN B 50 -13.65 -9.92 -4.70
N SER B 51 -13.12 -11.13 -4.66
CA SER B 51 -11.86 -11.44 -5.35
C SER B 51 -12.05 -11.53 -6.86
N SER B 52 -13.31 -11.55 -7.31
CA SER B 52 -13.60 -11.61 -8.73
C SER B 52 -14.30 -10.33 -9.17
N LEU B 53 -13.58 -9.51 -9.93
CA LEU B 53 -14.08 -8.26 -10.44
C LEU B 53 -14.56 -8.41 -11.87
N ASN B 54 -15.87 -8.43 -12.05
CA ASN B 54 -16.44 -8.59 -13.38
C ASN B 54 -16.43 -7.31 -14.17
N ILE B 55 -16.56 -7.44 -15.48
CA ILE B 55 -16.62 -6.33 -16.40
C ILE B 55 -17.66 -6.71 -17.43
N VAL B 56 -18.71 -5.90 -17.54
CA VAL B 56 -19.77 -6.18 -18.50
C VAL B 56 -19.56 -5.23 -19.68
N ASN B 57 -20.54 -5.17 -20.58
CA ASN B 57 -20.46 -4.31 -21.76
C ASN B 57 -19.24 -3.39 -21.65
N ALA B 58 -18.12 -3.85 -22.13
CA ALA B 58 -16.89 -3.10 -22.09
C ALA B 58 -17.00 -1.74 -22.79
N LYS B 59 -16.57 -0.70 -22.10
CA LYS B 59 -16.60 0.66 -22.63
C LYS B 59 -15.13 1.04 -22.70
N PHE B 60 -14.77 1.86 -23.68
CA PHE B 60 -13.38 2.27 -23.82
C PHE B 60 -12.71 2.61 -22.47
N GLU B 61 -13.48 3.22 -21.57
CA GLU B 61 -12.97 3.61 -20.27
C GLU B 61 -12.48 2.44 -19.46
N ASP B 62 -12.94 1.24 -19.80
CA ASP B 62 -12.53 0.06 -19.07
C ASP B 62 -11.10 -0.32 -19.43
N SER B 63 -10.63 0.18 -20.55
CA SER B 63 -9.27 -0.11 -20.95
C SER B 63 -8.42 0.44 -19.81
N GLY B 64 -7.33 -0.23 -19.45
CA GLY B 64 -6.52 0.29 -18.36
C GLY B 64 -5.57 -0.67 -17.67
N GLU B 65 -5.00 -0.20 -16.57
CA GLU B 65 -4.07 -0.99 -15.78
C GLU B 65 -4.81 -1.45 -14.54
N TYR B 66 -4.80 -2.76 -14.27
CA TYR B 66 -5.49 -3.26 -13.09
C TYR B 66 -4.55 -4.05 -12.21
N LYS B 67 -4.91 -4.12 -10.92
CA LYS B 67 -4.14 -4.88 -9.92
C LYS B 67 -4.95 -5.07 -8.65
N CYS B 68 -4.63 -6.12 -7.90
CA CYS B 68 -5.33 -6.39 -6.65
C CYS B 68 -4.32 -6.58 -5.54
N GLN B 69 -4.82 -6.53 -4.30
CA GLN B 69 -3.98 -6.69 -3.11
C GLN B 69 -4.85 -7.19 -1.96
N HIS B 70 -4.22 -7.79 -0.95
CA HIS B 70 -4.95 -8.30 0.21
C HIS B 70 -4.64 -7.56 1.49
N GLN B 71 -5.14 -8.07 2.60
CA GLN B 71 -4.93 -7.43 3.89
C GLN B 71 -3.44 -7.21 4.18
N GLN B 72 -2.67 -8.29 4.15
CA GLN B 72 -1.24 -8.21 4.42
C GLN B 72 -0.41 -8.74 3.25
N VAL B 73 -0.50 -8.07 2.10
CA VAL B 73 0.24 -8.50 0.92
C VAL B 73 0.54 -7.33 0.01
N ASN B 74 1.59 -7.48 -0.80
CA ASN B 74 2.00 -6.47 -1.75
C ASN B 74 1.19 -6.60 -3.03
N GLU B 75 0.58 -5.50 -3.48
CA GLU B 75 -0.22 -5.49 -4.71
C GLU B 75 0.43 -6.30 -5.84
N SER B 76 -0.41 -6.88 -6.67
CA SER B 76 0.00 -7.71 -7.79
C SER B 76 0.60 -6.95 -8.93
N GLU B 77 1.28 -7.67 -9.81
CA GLU B 77 1.88 -7.05 -10.96
C GLU B 77 0.74 -6.64 -11.89
N PRO B 78 0.59 -5.33 -12.11
CA PRO B 78 -0.45 -4.76 -12.96
C PRO B 78 -0.72 -5.61 -14.17
N VAL B 79 -1.90 -5.45 -14.73
CA VAL B 79 -2.25 -6.18 -15.95
C VAL B 79 -3.02 -5.20 -16.80
N TYR B 80 -2.62 -5.09 -18.06
CA TYR B 80 -3.27 -4.14 -18.94
C TYR B 80 -4.30 -4.76 -19.84
N LEU B 81 -5.42 -4.05 -19.94
CA LEU B 81 -6.54 -4.47 -20.74
C LEU B 81 -6.83 -3.39 -21.78
N GLU B 82 -6.92 -3.77 -23.05
CA GLU B 82 -7.22 -2.78 -24.07
C GLU B 82 -8.49 -3.14 -24.83
N VAL B 83 -9.36 -2.15 -25.02
CA VAL B 83 -10.62 -2.36 -25.72
C VAL B 83 -10.61 -1.79 -27.12
N PHE B 84 -11.13 -2.56 -28.07
CA PHE B 84 -11.13 -2.15 -29.45
C PHE B 84 -12.48 -2.12 -30.12
N SER B 85 -12.47 -1.42 -31.25
CA SER B 85 -13.61 -1.27 -32.15
C SER B 85 -13.00 -1.46 -33.55
N ASP B 86 -13.33 -2.56 -34.21
CA ASP B 86 -12.79 -2.84 -35.54
C ASP B 86 -13.38 -4.15 -36.04
N TRP B 87 -13.25 -4.40 -37.35
CA TRP B 87 -13.82 -5.63 -37.90
C TRP B 87 -13.11 -6.83 -37.36
N LEU B 88 -11.78 -6.77 -37.42
CA LEU B 88 -10.96 -7.86 -36.94
C LEU B 88 -9.98 -7.47 -35.85
N LEU B 89 -9.82 -8.37 -34.89
CA LEU B 89 -8.91 -8.14 -33.79
C LEU B 89 -8.09 -9.39 -33.58
N LEU B 90 -6.78 -9.25 -33.62
CA LEU B 90 -5.94 -10.42 -33.42
C LEU B 90 -5.75 -10.61 -31.92
N GLN B 91 -6.13 -11.76 -31.39
CA GLN B 91 -5.98 -11.98 -29.95
C GLN B 91 -4.87 -12.94 -29.59
N ALA B 92 -4.17 -12.67 -28.48
CA ALA B 92 -3.10 -13.57 -28.11
C ALA B 92 -3.23 -14.01 -26.68
N SER B 93 -2.88 -15.27 -26.42
CA SER B 93 -2.95 -15.82 -25.07
C SER B 93 -2.10 -14.91 -24.20
N ALA B 94 -0.83 -14.82 -24.57
CA ALA B 94 0.15 -14.00 -23.87
C ALA B 94 0.95 -13.24 -24.90
N GLU B 95 1.31 -12.00 -24.61
CA GLU B 95 2.09 -11.23 -25.56
C GLU B 95 3.57 -11.53 -25.43
N VAL B 96 3.96 -12.17 -24.35
CA VAL B 96 5.36 -12.51 -24.17
C VAL B 96 5.42 -13.89 -23.56
N VAL B 97 6.29 -14.72 -24.08
CA VAL B 97 6.36 -16.10 -23.61
C VAL B 97 7.74 -16.69 -23.46
N MET B 98 7.92 -17.44 -22.37
CA MET B 98 9.19 -18.11 -22.08
C MET B 98 9.38 -19.22 -23.12
N GLU B 99 10.58 -19.34 -23.67
CA GLU B 99 10.84 -20.38 -24.65
C GLU B 99 10.32 -21.69 -24.08
N GLY B 100 9.50 -22.40 -24.83
CA GLY B 100 8.97 -23.67 -24.37
C GLY B 100 7.52 -23.72 -23.96
N GLN B 101 6.91 -22.56 -23.71
CA GLN B 101 5.51 -22.51 -23.31
C GLN B 101 4.56 -22.51 -24.50
N PRO B 102 3.25 -22.61 -24.23
CA PRO B 102 2.28 -22.62 -25.31
C PRO B 102 1.91 -21.19 -25.70
N LEU B 103 1.50 -21.02 -26.97
CA LEU B 103 1.11 -19.72 -27.48
C LEU B 103 -0.11 -19.84 -28.38
N PHE B 104 -1.16 -19.06 -28.11
CA PHE B 104 -2.37 -19.12 -28.92
C PHE B 104 -2.76 -17.79 -29.53
N LEU B 105 -2.89 -17.75 -30.85
CA LEU B 105 -3.34 -16.53 -31.52
C LEU B 105 -4.70 -16.83 -32.11
N ARG B 106 -5.57 -15.84 -32.11
CA ARG B 106 -6.91 -16.03 -32.62
C ARG B 106 -7.34 -14.82 -33.43
N CYS B 107 -7.81 -15.05 -34.66
CA CYS B 107 -8.30 -13.94 -35.49
C CYS B 107 -9.75 -13.83 -35.11
N HIS B 108 -10.08 -12.77 -34.39
CA HIS B 108 -11.42 -12.57 -33.90
C HIS B 108 -12.19 -11.53 -34.68
N GLY B 109 -13.40 -11.92 -35.09
CA GLY B 109 -14.25 -11.03 -35.86
C GLY B 109 -15.20 -10.27 -34.97
N TRP B 110 -15.57 -9.06 -35.40
CA TRP B 110 -16.48 -8.23 -34.63
C TRP B 110 -17.81 -8.92 -34.34
N ARG B 111 -18.43 -8.53 -33.23
CA ARG B 111 -19.69 -9.11 -32.79
C ARG B 111 -19.71 -10.63 -32.86
N ASN B 112 -18.52 -11.22 -32.93
CA ASN B 112 -18.37 -12.67 -32.97
C ASN B 112 -18.92 -13.23 -34.28
N TRP B 113 -19.01 -12.39 -35.31
CA TRP B 113 -19.51 -12.89 -36.58
C TRP B 113 -18.60 -14.00 -37.08
N ASP B 114 -18.81 -14.42 -38.32
CA ASP B 114 -17.99 -15.47 -38.91
C ASP B 114 -17.06 -14.87 -39.95
N VAL B 115 -15.85 -15.40 -40.01
CA VAL B 115 -14.86 -14.94 -40.97
C VAL B 115 -14.42 -16.09 -41.86
N TYR B 116 -14.18 -15.78 -43.13
CA TYR B 116 -13.75 -16.80 -44.07
C TYR B 116 -12.47 -16.41 -44.79
N LYS B 117 -11.84 -17.36 -45.46
CA LYS B 117 -10.59 -17.11 -46.18
C LYS B 117 -9.65 -16.36 -45.27
N VAL B 118 -9.37 -16.96 -44.13
CA VAL B 118 -8.48 -16.36 -43.15
C VAL B 118 -7.03 -16.69 -43.35
N ILE B 119 -6.18 -15.67 -43.19
CA ILE B 119 -4.74 -15.84 -43.36
C ILE B 119 -3.99 -15.10 -42.27
N TYR B 120 -3.11 -15.82 -41.56
CA TYR B 120 -2.34 -15.17 -40.50
C TYR B 120 -1.02 -14.74 -41.08
N TYR B 121 -0.54 -13.56 -40.71
CA TYR B 121 0.73 -13.12 -41.25
C TYR B 121 1.73 -12.87 -40.15
N LYS B 122 2.99 -13.26 -40.40
CA LYS B 122 4.07 -13.03 -39.44
C LYS B 122 5.23 -12.32 -40.13
N ASP B 123 5.48 -11.07 -39.78
CA ASP B 123 6.59 -10.33 -40.37
C ASP B 123 6.37 -10.13 -41.87
N GLY B 124 5.13 -9.85 -42.25
CA GLY B 124 4.79 -9.61 -43.65
C GLY B 124 4.64 -10.86 -44.52
N GLU B 125 4.98 -12.01 -43.96
CA GLU B 125 4.90 -13.27 -44.71
C GLU B 125 3.60 -13.99 -44.43
N ALA B 126 3.05 -14.62 -45.46
CA ALA B 126 1.82 -15.40 -45.27
C ALA B 126 2.24 -16.54 -44.34
N LEU B 127 1.32 -17.06 -43.53
CA LEU B 127 1.71 -18.13 -42.62
C LEU B 127 0.81 -19.34 -42.61
N LYS B 128 -0.49 -19.14 -42.44
CA LYS B 128 -1.43 -20.24 -42.46
C LYS B 128 -2.67 -19.76 -43.18
N TYR B 129 -3.37 -20.69 -43.82
CA TYR B 129 -4.57 -20.34 -44.56
C TYR B 129 -5.74 -21.32 -44.37
N TRP B 130 -6.95 -20.79 -44.18
CA TRP B 130 -8.14 -21.61 -44.00
C TRP B 130 -9.40 -20.92 -44.57
N TYR B 131 -10.46 -21.70 -44.73
CA TYR B 131 -11.75 -21.21 -45.24
C TYR B 131 -12.56 -20.72 -44.06
N GLU B 132 -13.14 -21.66 -43.30
CA GLU B 132 -13.87 -21.32 -42.08
C GLU B 132 -12.68 -21.14 -41.15
N ASN B 133 -12.42 -19.90 -40.73
CA ASN B 133 -11.25 -19.63 -39.89
C ASN B 133 -10.96 -20.62 -38.78
N HIS B 134 -9.75 -20.52 -38.24
CA HIS B 134 -9.23 -21.39 -37.19
C HIS B 134 -8.54 -20.55 -36.10
N ASN B 135 -7.81 -21.21 -35.20
CA ASN B 135 -7.10 -20.53 -34.11
C ASN B 135 -5.67 -21.04 -34.07
N ILE B 136 -4.78 -20.40 -34.81
CA ILE B 136 -3.38 -20.83 -34.82
C ILE B 136 -2.82 -21.10 -33.42
N SER B 137 -2.60 -22.36 -33.13
CA SER B 137 -2.06 -22.78 -31.83
C SER B 137 -0.64 -23.34 -31.91
N ILE B 138 0.10 -23.15 -30.82
CA ILE B 138 1.49 -23.60 -30.66
C ILE B 138 1.72 -24.20 -29.26
N THR B 139 2.15 -25.46 -29.22
CA THR B 139 2.41 -26.13 -27.95
C THR B 139 3.73 -25.60 -27.40
N ASN B 140 4.85 -26.15 -27.86
CA ASN B 140 6.13 -25.65 -27.41
C ASN B 140 6.52 -24.49 -28.30
N ALA B 141 6.93 -23.40 -27.69
CA ALA B 141 7.30 -22.23 -28.45
C ALA B 141 8.79 -22.12 -28.68
N THR B 142 9.17 -21.89 -29.92
CA THR B 142 10.56 -21.69 -30.27
C THR B 142 10.78 -20.20 -30.07
N VAL B 143 12.01 -19.74 -30.19
CA VAL B 143 12.29 -18.32 -30.02
C VAL B 143 12.17 -17.67 -31.39
N GLU B 144 12.09 -18.50 -32.43
CA GLU B 144 11.97 -18.00 -33.78
C GLU B 144 10.54 -17.60 -34.05
N ASP B 145 9.65 -17.96 -33.14
CA ASP B 145 8.24 -17.63 -33.29
C ASP B 145 7.95 -16.19 -32.94
N SER B 146 8.92 -15.51 -32.33
CA SER B 146 8.70 -14.11 -31.96
C SER B 146 8.54 -13.37 -33.29
N GLY B 147 7.82 -12.26 -33.28
CA GLY B 147 7.64 -11.53 -34.51
C GLY B 147 6.40 -10.69 -34.38
N THR B 148 5.97 -10.06 -35.46
CA THR B 148 4.79 -9.23 -35.41
C THR B 148 3.75 -9.86 -36.31
N TYR B 149 2.63 -10.22 -35.71
CA TYR B 149 1.55 -10.85 -36.43
C TYR B 149 0.38 -9.92 -36.71
N TYR B 150 -0.46 -10.39 -37.63
CA TYR B 150 -1.71 -9.75 -38.03
C TYR B 150 -2.43 -10.74 -38.94
N CYS B 151 -3.76 -10.63 -39.02
CA CYS B 151 -4.52 -11.54 -39.86
C CYS B 151 -5.45 -10.83 -40.81
N THR B 152 -5.80 -11.52 -41.90
CA THR B 152 -6.70 -10.96 -42.88
C THR B 152 -7.83 -11.96 -43.02
N GLY B 153 -9.01 -11.45 -43.35
CA GLY B 153 -10.16 -12.31 -43.53
C GLY B 153 -11.31 -11.60 -44.21
N LYS B 154 -12.27 -12.37 -44.69
CA LYS B 154 -13.39 -11.75 -45.34
C LYS B 154 -14.51 -11.81 -44.31
N VAL B 155 -15.31 -10.75 -44.26
CA VAL B 155 -16.47 -10.66 -43.37
C VAL B 155 -17.65 -10.26 -44.25
N TRP B 156 -18.75 -11.01 -44.15
CA TRP B 156 -19.88 -10.73 -45.00
C TRP B 156 -19.40 -10.99 -46.40
N GLN B 157 -18.97 -9.92 -47.07
CA GLN B 157 -18.48 -10.05 -48.42
C GLN B 157 -17.30 -9.15 -48.73
N LEU B 158 -16.72 -8.56 -47.68
CA LEU B 158 -15.57 -7.69 -47.87
C LEU B 158 -14.33 -8.16 -47.12
N ASP B 159 -13.18 -7.75 -47.61
CA ASP B 159 -11.91 -8.14 -47.01
C ASP B 159 -11.47 -7.12 -45.97
N TYR B 160 -10.90 -7.62 -44.88
CA TYR B 160 -10.42 -6.76 -43.80
C TYR B 160 -9.08 -7.21 -43.20
N GLU B 161 -8.31 -6.23 -42.75
CA GLU B 161 -7.00 -6.47 -42.16
C GLU B 161 -7.03 -6.01 -40.72
N SER B 162 -6.35 -6.76 -39.86
CA SER B 162 -6.30 -6.47 -38.43
C SER B 162 -5.12 -5.62 -38.01
N GLU B 163 -5.18 -5.11 -36.77
CA GLU B 163 -4.12 -4.31 -36.22
C GLU B 163 -2.98 -5.27 -35.98
N PRO B 164 -1.74 -4.84 -36.27
CA PRO B 164 -0.59 -5.72 -36.06
C PRO B 164 -0.33 -5.89 -34.58
N LEU B 165 0.29 -7.00 -34.22
CA LEU B 165 0.56 -7.24 -32.83
C LEU B 165 1.90 -7.89 -32.62
N ASN B 166 2.72 -7.27 -31.79
CA ASN B 166 4.04 -7.81 -31.53
C ASN B 166 4.01 -8.90 -30.51
N ILE B 167 4.91 -9.87 -30.69
CA ILE B 167 5.01 -10.99 -29.79
C ILE B 167 6.44 -11.41 -29.54
N THR B 168 6.80 -11.49 -28.28
CA THR B 168 8.16 -11.88 -27.95
C THR B 168 8.23 -13.16 -27.15
N VAL B 169 9.21 -13.97 -27.52
CA VAL B 169 9.46 -15.23 -26.85
C VAL B 169 10.88 -15.13 -26.32
N ILE B 170 11.01 -14.94 -25.00
CA ILE B 170 12.33 -14.83 -24.39
C ILE B 170 12.82 -16.21 -24.00
N LYS B 171 14.06 -16.30 -23.54
CA LYS B 171 14.62 -17.59 -23.17
C LYS B 171 15.25 -17.58 -21.78
N LYS C 4 22.06 -16.47 17.33
CA LYS C 4 20.63 -16.78 17.63
C LYS C 4 20.00 -15.79 18.62
N PRO C 5 19.51 -14.64 18.12
CA PRO C 5 18.91 -13.63 18.99
C PRO C 5 17.41 -13.81 19.28
N LYS C 6 16.97 -13.30 20.41
CA LYS C 6 15.57 -13.43 20.78
C LYS C 6 14.98 -12.13 21.33
N VAL C 7 14.00 -11.57 20.62
CA VAL C 7 13.33 -10.33 21.02
C VAL C 7 12.47 -10.49 22.26
N SER C 8 12.75 -9.72 23.30
CA SER C 8 11.98 -9.80 24.53
C SER C 8 11.15 -8.53 24.65
N LEU C 9 10.08 -8.58 25.44
CA LEU C 9 9.22 -7.40 25.64
C LEU C 9 9.08 -6.98 27.10
N ASN C 10 8.83 -5.71 27.33
CA ASN C 10 8.66 -5.25 28.68
C ASN C 10 7.77 -4.03 28.67
N PRO C 11 6.55 -4.14 29.21
CA PRO C 11 5.92 -5.30 29.83
C PRO C 11 5.92 -6.54 28.93
N PRO C 12 5.66 -7.72 29.51
CA PRO C 12 5.64 -8.96 28.74
C PRO C 12 4.47 -8.99 27.80
N TRP C 13 3.45 -8.21 28.14
CA TRP C 13 2.23 -8.17 27.34
C TRP C 13 2.49 -7.89 25.88
N ASN C 14 2.03 -8.77 25.00
CA ASN C 14 2.23 -8.60 23.59
C ASN C 14 0.94 -8.19 22.89
N ARG C 15 -0.06 -7.79 23.66
CA ARG C 15 -1.32 -7.34 23.09
C ARG C 15 -1.56 -6.10 23.92
N ILE C 16 -1.54 -4.92 23.31
CA ILE C 16 -1.73 -3.73 24.10
C ILE C 16 -2.75 -2.78 23.55
N PHE C 17 -3.14 -1.85 24.41
CA PHE C 17 -4.12 -0.83 24.10
C PHE C 17 -3.49 0.31 23.34
N LYS C 18 -4.33 1.03 22.60
CA LYS C 18 -3.89 2.18 21.84
C LYS C 18 -3.32 3.23 22.79
N GLY C 19 -2.10 3.65 22.53
CA GLY C 19 -1.53 4.68 23.35
C GLY C 19 -0.58 4.25 24.43
N GLU C 20 -0.54 2.95 24.70
CA GLU C 20 0.37 2.44 25.72
C GLU C 20 1.84 2.39 25.26
N ASN C 21 2.74 1.94 26.13
CA ASN C 21 4.14 1.87 25.74
C ASN C 21 4.69 0.48 25.94
N VAL C 22 5.65 0.11 25.12
CA VAL C 22 6.27 -1.19 25.24
C VAL C 22 7.67 -1.10 24.66
N THR C 23 8.63 -1.78 25.30
CA THR C 23 10.03 -1.76 24.88
C THR C 23 10.52 -3.10 24.35
N LEU C 24 11.11 -3.12 23.16
CA LEU C 24 11.56 -4.39 22.62
C LEU C 24 13.06 -4.52 22.65
N THR C 25 13.58 -5.28 23.62
CA THR C 25 15.02 -5.44 23.70
C THR C 25 15.42 -6.56 22.75
N CYS C 26 16.66 -6.55 22.27
CA CYS C 26 17.11 -7.59 21.35
C CYS C 26 17.93 -8.73 22.00
N ASN C 27 17.80 -8.84 23.31
CA ASN C 27 18.47 -9.87 24.10
C ASN C 27 17.53 -10.25 25.21
N GLY C 28 17.77 -11.40 25.82
CA GLY C 28 16.93 -11.85 26.91
C GLY C 28 16.96 -10.93 28.11
N ASN C 29 15.89 -10.19 28.33
CA ASN C 29 15.78 -9.26 29.46
C ASN C 29 17.09 -8.87 30.14
N ASN C 30 18.14 -8.59 29.38
CA ASN C 30 19.36 -8.20 30.04
C ASN C 30 19.95 -6.87 29.60
N PHE C 31 20.23 -6.09 30.63
CA PHE C 31 20.75 -4.72 30.65
C PHE C 31 21.70 -4.08 29.63
N PHE C 32 22.81 -4.73 29.27
CA PHE C 32 23.75 -4.11 28.34
C PHE C 32 23.27 -3.97 26.89
N GLU C 33 23.62 -2.85 26.28
CA GLU C 33 23.25 -2.55 24.88
C GLU C 33 24.50 -2.26 24.04
N VAL C 34 24.38 -2.44 22.73
CA VAL C 34 25.49 -2.21 21.82
C VAL C 34 24.97 -1.63 20.51
N SER C 35 25.61 -0.55 20.05
CA SER C 35 25.26 0.17 18.82
C SER C 35 24.74 -0.61 17.62
N SER C 36 25.43 -1.66 17.21
CA SER C 36 25.01 -2.45 16.03
C SER C 36 23.91 -3.48 16.31
N THR C 37 22.73 -3.21 15.73
CA THR C 37 21.53 -4.05 15.85
C THR C 37 20.57 -3.59 14.76
N LYS C 38 19.75 -4.50 14.25
CA LYS C 38 18.80 -4.12 13.19
C LYS C 38 17.37 -4.41 13.62
N TRP C 39 16.40 -3.64 13.11
CA TRP C 39 15.00 -3.88 13.46
C TRP C 39 14.14 -3.92 12.21
N PHE C 40 13.32 -4.95 12.08
CA PHE C 40 12.46 -5.07 10.92
C PHE C 40 10.99 -5.11 11.26
N HIS C 41 10.33 -3.97 11.15
CA HIS C 41 8.91 -3.87 11.43
C HIS C 41 8.16 -4.23 10.17
N ASN C 42 7.54 -5.40 10.16
CA ASN C 42 6.80 -5.86 9.01
C ASN C 42 7.75 -6.07 7.85
N GLY C 43 8.97 -6.49 8.16
CA GLY C 43 9.95 -6.72 7.12
C GLY C 43 10.76 -5.50 6.70
N SER C 44 10.14 -4.32 6.70
CA SER C 44 10.82 -3.08 6.35
C SER C 44 11.82 -2.70 7.43
N LEU C 45 13.07 -2.42 7.06
CA LEU C 45 14.09 -2.05 8.02
C LEU C 45 13.72 -0.78 8.78
N SER C 46 14.03 -0.76 10.07
CA SER C 46 13.72 0.39 10.90
C SER C 46 14.92 1.30 10.97
N GLU C 47 14.71 2.51 11.45
CA GLU C 47 15.76 3.51 11.55
C GLU C 47 16.53 3.48 12.86
N GLU C 48 16.03 2.73 13.83
CA GLU C 48 16.71 2.67 15.11
C GLU C 48 17.85 1.67 15.06
N THR C 49 18.90 1.90 15.86
CA THR C 49 20.05 1.01 15.88
C THR C 49 20.28 0.46 17.28
N ASN C 50 19.90 1.21 18.29
CA ASN C 50 20.06 0.80 19.68
C ASN C 50 19.50 -0.63 19.80
N SER C 51 20.03 -1.41 20.73
CA SER C 51 19.49 -2.75 20.91
C SER C 51 18.08 -2.68 21.50
N SER C 52 17.71 -1.52 22.08
CA SER C 52 16.39 -1.34 22.67
C SER C 52 15.56 -0.38 21.83
N LEU C 53 14.54 -0.93 21.18
CA LEU C 53 13.63 -0.16 20.33
C LEU C 53 12.35 0.17 21.08
N ASN C 54 12.23 1.41 21.56
CA ASN C 54 11.04 1.83 22.29
C ASN C 54 9.85 2.11 21.40
N ILE C 55 8.68 2.13 22.01
CA ILE C 55 7.42 2.40 21.33
C ILE C 55 6.62 3.24 22.28
N VAL C 56 6.26 4.45 21.86
CA VAL C 56 5.48 5.34 22.71
C VAL C 56 4.04 5.32 22.19
N ASN C 57 3.18 6.20 22.70
CA ASN C 57 1.76 6.26 22.27
C ASN C 57 1.52 5.34 21.11
N ALA C 58 1.22 4.09 21.42
CA ALA C 58 0.99 3.10 20.40
C ALA C 58 -0.13 3.49 19.47
N LYS C 59 0.12 3.38 18.18
CA LYS C 59 -0.88 3.68 17.18
C LYS C 59 -1.13 2.33 16.53
N PHE C 60 -2.30 2.15 15.94
CA PHE C 60 -2.61 0.90 15.28
C PHE C 60 -1.50 0.42 14.35
N GLU C 61 -0.85 1.36 13.68
CA GLU C 61 0.24 1.04 12.73
C GLU C 61 1.40 0.34 13.39
N ASP C 62 1.54 0.48 14.71
CA ASP C 62 2.63 -0.16 15.41
C ASP C 62 2.41 -1.66 15.49
N SER C 63 1.16 -2.08 15.33
CA SER C 63 0.83 -3.49 15.36
C SER C 63 1.66 -4.11 14.28
N GLY C 64 2.21 -5.28 14.52
CA GLY C 64 3.02 -5.89 13.47
C GLY C 64 3.95 -7.00 13.89
N GLU C 65 4.81 -7.39 12.94
CA GLU C 65 5.81 -8.42 13.13
C GLU C 65 7.14 -7.71 13.33
N TYR C 66 7.85 -8.03 14.40
CA TYR C 66 9.15 -7.43 14.63
C TYR C 66 10.25 -8.47 14.80
N LYS C 67 11.49 -8.06 14.49
CA LYS C 67 12.66 -8.92 14.64
C LYS C 67 13.93 -8.10 14.59
N CYS C 68 15.00 -8.61 15.21
CA CYS C 68 16.28 -7.92 15.20
C CYS C 68 17.38 -8.85 14.75
N GLN C 69 18.53 -8.28 14.38
CA GLN C 69 19.66 -9.07 13.91
C GLN C 69 20.93 -8.28 14.20
N HIS C 70 22.07 -8.98 14.22
CA HIS C 70 23.35 -8.32 14.46
C HIS C 70 24.29 -8.36 13.25
N GLN C 71 25.52 -7.94 13.47
CA GLN C 71 26.49 -7.89 12.38
C GLN C 71 26.67 -9.26 11.72
N GLN C 72 26.99 -10.27 12.52
CA GLN C 72 27.18 -11.62 11.98
C GLN C 72 26.27 -12.62 12.68
N VAL C 73 24.96 -12.46 12.49
CA VAL C 73 24.00 -13.35 13.10
C VAL C 73 22.73 -13.42 12.28
N ASN C 74 21.97 -14.50 12.50
CA ASN C 74 20.73 -14.64 11.79
C ASN C 74 19.65 -13.91 12.55
N GLU C 75 18.76 -13.25 11.81
CA GLU C 75 17.66 -12.52 12.42
C GLU C 75 16.87 -13.42 13.38
N SER C 76 16.30 -12.80 14.40
CA SER C 76 15.54 -13.49 15.43
C SER C 76 14.17 -13.96 14.97
N GLU C 77 13.59 -14.88 15.74
CA GLU C 77 12.28 -15.39 15.43
C GLU C 77 11.31 -14.27 15.67
N PRO C 78 10.56 -13.86 14.64
CA PRO C 78 9.58 -12.78 14.70
C PRO C 78 8.70 -12.82 15.92
N VAL C 79 8.19 -11.64 16.29
CA VAL C 79 7.29 -11.50 17.43
C VAL C 79 6.16 -10.59 16.96
N TYR C 80 4.93 -11.00 17.18
CA TYR C 80 3.82 -10.18 16.76
C TYR C 80 3.27 -9.33 17.88
N LEU C 81 3.04 -8.05 17.61
CA LEU C 81 2.48 -7.16 18.60
C LEU C 81 1.12 -6.69 18.05
N GLU C 82 0.07 -6.75 18.87
CA GLU C 82 -1.22 -6.30 18.37
C GLU C 82 -1.79 -5.21 19.30
N VAL C 83 -2.28 -4.14 18.69
CA VAL C 83 -2.84 -3.03 19.45
C VAL C 83 -4.35 -3.02 19.43
N PHE C 84 -4.96 -2.74 20.58
CA PHE C 84 -6.40 -2.75 20.69
C PHE C 84 -7.02 -1.48 21.24
N SER C 85 -8.31 -1.38 20.98
CA SER C 85 -9.16 -0.30 21.43
C SER C 85 -10.41 -1.02 21.94
N ASP C 86 -10.60 -1.04 23.25
CA ASP C 86 -11.76 -1.69 23.82
C ASP C 86 -11.79 -1.47 25.33
N TRP C 87 -12.92 -1.75 25.97
CA TRP C 87 -13.01 -1.53 27.40
C TRP C 87 -12.06 -2.46 28.14
N LEU C 88 -12.10 -3.75 27.79
CA LEU C 88 -11.25 -4.76 28.41
C LEU C 88 -10.39 -5.54 27.43
N LEU C 89 -9.17 -5.86 27.85
CA LEU C 89 -8.27 -6.59 26.98
C LEU C 89 -7.65 -7.68 27.79
N LEU C 90 -7.71 -8.91 27.30
CA LEU C 90 -7.10 -10.00 28.05
C LEU C 90 -5.65 -10.14 27.65
N GLN C 91 -4.72 -9.96 28.58
CA GLN C 91 -3.33 -10.05 28.22
C GLN C 91 -2.66 -11.34 28.65
N ALA C 92 -1.77 -11.86 27.82
CA ALA C 92 -1.06 -13.09 28.17
C ALA C 92 0.42 -12.97 28.10
N SER C 93 1.13 -13.60 29.04
CA SER C 93 2.58 -13.54 29.06
C SER C 93 3.03 -14.11 27.74
N ALA C 94 2.58 -15.31 27.44
CA ALA C 94 2.92 -15.98 26.20
C ALA C 94 1.67 -16.65 25.69
N GLU C 95 1.47 -16.70 24.38
CA GLU C 95 0.29 -17.36 23.84
C GLU C 95 0.49 -18.87 23.63
N VAL C 96 1.75 -19.32 23.57
CA VAL C 96 2.08 -20.74 23.38
C VAL C 96 3.15 -21.09 24.43
N VAL C 97 3.01 -22.23 25.11
CA VAL C 97 3.99 -22.58 26.14
C VAL C 97 4.31 -24.05 26.26
N MET C 98 5.53 -24.32 26.71
CA MET C 98 6.01 -25.68 26.92
C MET C 98 5.47 -26.20 28.24
N GLU C 99 4.90 -27.39 28.23
CA GLU C 99 4.39 -27.96 29.47
C GLU C 99 5.43 -27.71 30.55
N GLY C 100 5.01 -27.16 31.68
CA GLY C 100 5.95 -26.92 32.76
C GLY C 100 6.39 -25.49 33.02
N GLN C 101 6.19 -24.61 32.06
CA GLN C 101 6.57 -23.21 32.22
C GLN C 101 5.48 -22.38 32.90
N PRO C 102 5.81 -21.14 33.25
CA PRO C 102 4.81 -20.29 33.90
C PRO C 102 3.93 -19.60 32.85
N LEU C 103 2.71 -19.28 33.25
CA LEU C 103 1.75 -18.60 32.38
C LEU C 103 1.01 -17.52 33.13
N PHE C 104 1.00 -16.30 32.61
CA PHE C 104 0.27 -15.22 33.30
C PHE C 104 -0.81 -14.57 32.45
N LEU C 105 -2.04 -14.50 32.95
CA LEU C 105 -3.11 -13.85 32.21
C LEU C 105 -3.50 -12.63 33.03
N ARG C 106 -3.87 -11.56 32.36
CA ARG C 106 -4.23 -10.34 33.06
C ARG C 106 -5.42 -9.68 32.39
N CYS C 107 -6.46 -9.36 33.17
CA CYS C 107 -7.63 -8.70 32.60
C CYS C 107 -7.29 -7.26 32.75
N HIS C 108 -7.01 -6.62 31.61
CA HIS C 108 -6.60 -5.23 31.60
C HIS C 108 -7.70 -4.28 31.15
N GLY C 109 -7.92 -3.25 31.97
CA GLY C 109 -8.96 -2.28 31.68
C GLY C 109 -8.42 -1.10 30.91
N TRP C 110 -9.27 -0.48 30.09
CA TRP C 110 -8.83 0.65 29.29
C TRP C 110 -8.26 1.79 30.13
N ARG C 111 -7.37 2.58 29.51
CA ARG C 111 -6.72 3.69 30.18
C ARG C 111 -6.23 3.32 31.57
N ASN C 112 -6.09 2.03 31.82
CA ASN C 112 -5.59 1.55 33.10
C ASN C 112 -6.56 1.86 34.22
N TRP C 113 -7.84 2.04 33.88
CA TRP C 113 -8.82 2.30 34.93
C TRP C 113 -8.89 1.11 35.86
N ASP C 114 -9.85 1.12 36.76
CA ASP C 114 -10.02 0.02 37.70
C ASP C 114 -11.23 -0.80 37.32
N VAL C 115 -11.12 -2.11 37.52
CA VAL C 115 -12.20 -3.02 37.21
C VAL C 115 -12.59 -3.79 38.45
N TYR C 116 -13.88 -4.08 38.57
CA TYR C 116 -14.36 -4.81 39.72
C TYR C 116 -15.22 -6.01 39.31
N LYS C 117 -15.47 -6.90 40.26
CA LYS C 117 -16.28 -8.08 40.00
C LYS C 117 -15.74 -8.72 38.74
N VAL C 118 -14.46 -9.06 38.78
CA VAL C 118 -13.80 -9.69 37.65
C VAL C 118 -13.91 -11.21 37.64
N ILE C 119 -14.15 -11.76 36.46
CA ILE C 119 -14.28 -13.19 36.34
C ILE C 119 -13.56 -13.67 35.08
N TYR C 120 -12.64 -14.62 35.23
CA TYR C 120 -11.94 -15.15 34.05
C TYR C 120 -12.67 -16.37 33.55
N TYR C 121 -12.78 -16.52 32.26
CA TYR C 121 -13.47 -17.70 31.73
C TYR C 121 -12.56 -18.53 30.84
N LYS C 122 -12.69 -19.84 30.96
CA LYS C 122 -11.94 -20.77 30.13
C LYS C 122 -12.89 -21.76 29.48
N ASP C 123 -12.99 -21.70 28.16
CA ASP C 123 -13.85 -22.60 27.42
C ASP C 123 -15.30 -22.44 27.87
N GLY C 124 -15.72 -21.20 28.05
CA GLY C 124 -17.10 -20.92 28.44
C GLY C 124 -17.43 -21.16 29.91
N GLU C 125 -16.49 -21.72 30.66
CA GLU C 125 -16.70 -22.01 32.07
C GLU C 125 -16.16 -20.91 32.94
N ALA C 126 -16.86 -20.62 34.04
CA ALA C 126 -16.38 -19.62 34.98
C ALA C 126 -15.10 -20.23 35.54
N LEU C 127 -14.13 -19.41 35.94
CA LEU C 127 -12.87 -19.94 36.46
C LEU C 127 -12.39 -19.39 37.78
N LYS C 128 -12.25 -18.07 37.86
CA LYS C 128 -11.83 -17.41 39.11
C LYS C 128 -12.65 -16.13 39.22
N TYR C 129 -12.92 -15.68 40.45
CA TYR C 129 -13.72 -14.48 40.58
C TYR C 129 -13.17 -13.65 41.70
N TRP C 130 -13.03 -12.34 41.48
CA TRP C 130 -12.52 -11.41 42.50
C TRP C 130 -13.26 -10.10 42.47
N TYR C 131 -13.20 -9.37 43.59
CA TYR C 131 -13.84 -8.06 43.64
C TYR C 131 -12.91 -7.09 42.97
N GLU C 132 -11.90 -6.61 43.70
CA GLU C 132 -10.89 -5.70 43.12
C GLU C 132 -10.19 -6.76 42.31
N ASN C 133 -9.90 -6.50 41.04
CA ASN C 133 -9.30 -7.55 40.19
C ASN C 133 -7.88 -8.01 40.49
N HIS C 134 -7.54 -9.14 39.90
CA HIS C 134 -6.27 -9.77 40.15
C HIS C 134 -5.81 -10.33 38.83
N ASN C 135 -4.62 -10.93 38.83
CA ASN C 135 -4.06 -11.46 37.61
C ASN C 135 -3.78 -12.95 37.71
N ILE C 136 -4.76 -13.75 37.31
CA ILE C 136 -4.60 -15.20 37.34
C ILE C 136 -3.17 -15.58 36.94
N SER C 137 -2.47 -16.22 37.87
CA SER C 137 -1.07 -16.64 37.65
C SER C 137 -0.88 -18.16 37.77
N ILE C 138 -0.03 -18.72 36.93
CA ILE C 138 0.27 -20.15 36.93
C ILE C 138 1.76 -20.44 36.89
N THR C 139 2.24 -21.24 37.83
CA THR C 139 3.68 -21.55 37.90
C THR C 139 4.01 -22.68 36.92
N ASN C 140 3.60 -23.89 37.29
CA ASN C 140 3.84 -25.07 36.46
C ASN C 140 2.60 -25.26 35.61
N ALA C 141 2.77 -25.21 34.29
CA ALA C 141 1.65 -25.32 33.35
C ALA C 141 1.32 -26.70 32.85
N THR C 142 0.14 -27.16 33.22
CA THR C 142 -0.29 -28.47 32.76
C THR C 142 -0.67 -28.28 31.32
N VAL C 143 -0.99 -29.37 30.63
CA VAL C 143 -1.38 -29.26 29.23
C VAL C 143 -2.87 -29.10 29.19
N GLU C 144 -3.52 -29.33 30.33
CA GLU C 144 -4.96 -29.19 30.40
C GLU C 144 -5.33 -27.73 30.48
N ASP C 145 -4.34 -26.87 30.74
CA ASP C 145 -4.56 -25.43 30.86
C ASP C 145 -4.76 -24.77 29.52
N SER C 146 -4.51 -25.50 28.43
CA SER C 146 -4.69 -24.94 27.11
C SER C 146 -6.19 -24.72 26.91
N GLY C 147 -6.53 -23.81 26.01
CA GLY C 147 -7.94 -23.54 25.74
C GLY C 147 -8.16 -22.11 25.28
N THR C 148 -9.37 -21.58 25.48
CA THR C 148 -9.64 -20.21 25.05
C THR C 148 -10.23 -19.44 26.21
N TYR C 149 -9.53 -18.36 26.58
CA TYR C 149 -9.91 -17.52 27.67
C TYR C 149 -10.49 -16.20 27.22
N TYR C 150 -11.09 -15.55 28.21
CA TYR C 150 -11.70 -14.25 28.13
C TYR C 150 -12.16 -13.87 29.54
N CYS C 151 -12.26 -12.57 29.81
CA CYS C 151 -12.67 -12.12 31.12
C CYS C 151 -13.82 -11.13 31.09
N THR C 152 -14.55 -11.04 32.21
CA THR C 152 -15.65 -10.10 32.32
C THR C 152 -15.38 -9.25 33.54
N GLY C 153 -15.88 -8.02 33.51
CA GLY C 153 -15.67 -7.14 34.63
C GLY C 153 -16.53 -5.91 34.55
N LYS C 154 -16.60 -5.17 35.66
CA LYS C 154 -17.38 -3.97 35.74
C LYS C 154 -16.46 -2.78 35.73
N VAL C 155 -16.75 -1.84 34.81
CA VAL C 155 -15.97 -0.61 34.70
C VAL C 155 -16.93 0.55 34.95
N TRP C 156 -16.54 1.43 35.86
CA TRP C 156 -17.40 2.56 36.21
C TRP C 156 -18.62 1.92 36.86
N GLN C 157 -19.65 1.68 36.05
CA GLN C 157 -20.85 1.07 36.55
C GLN C 157 -21.51 0.13 35.55
N LEU C 158 -20.78 -0.20 34.48
CA LEU C 158 -21.31 -1.11 33.48
C LEU C 158 -20.47 -2.36 33.28
N ASP C 159 -21.10 -3.43 32.82
CA ASP C 159 -20.43 -4.69 32.63
C ASP C 159 -19.85 -4.79 31.24
N TYR C 160 -18.66 -5.38 31.13
CA TYR C 160 -18.00 -5.55 29.83
C TYR C 160 -17.30 -6.89 29.67
N GLU C 161 -17.29 -7.38 28.44
CA GLU C 161 -16.68 -8.66 28.11
C GLU C 161 -15.50 -8.42 27.15
N SER C 162 -14.43 -9.19 27.33
CA SER C 162 -13.24 -9.05 26.52
C SER C 162 -13.20 -9.95 25.31
N GLU C 163 -12.24 -9.69 24.42
CA GLU C 163 -12.09 -10.49 23.21
C GLU C 163 -11.52 -11.78 23.69
N PRO C 164 -11.97 -12.89 23.12
CA PRO C 164 -11.49 -14.20 23.53
C PRO C 164 -10.05 -14.37 23.06
N LEU C 165 -9.32 -15.25 23.72
CA LEU C 165 -7.92 -15.45 23.35
C LEU C 165 -7.53 -16.91 23.51
N ASN C 166 -7.07 -17.53 22.42
CA ASN C 166 -6.66 -18.93 22.48
C ASN C 166 -5.28 -19.07 23.08
N ILE C 167 -5.08 -20.15 23.81
CA ILE C 167 -3.80 -20.43 24.47
C ILE C 167 -3.43 -21.89 24.36
N THR C 168 -2.23 -22.16 23.88
CA THR C 168 -1.80 -23.53 23.77
C THR C 168 -0.57 -23.87 24.60
N VAL C 169 -0.63 -25.04 25.20
CA VAL C 169 0.46 -25.53 26.00
C VAL C 169 0.87 -26.84 25.34
N ILE C 170 2.04 -26.81 24.69
CA ILE C 170 2.54 -28.00 24.02
C ILE C 170 3.41 -28.78 24.97
N LYS C 171 3.81 -29.98 24.57
CA LYS C 171 4.63 -30.81 25.45
C LYS C 171 5.89 -31.32 24.77
N LYS D 4 11.43 -55.66 -11.51
CA LYS D 4 10.82 -55.04 -10.30
C LYS D 4 11.03 -53.53 -10.30
N PRO D 5 10.17 -52.79 -11.00
CA PRO D 5 10.28 -51.33 -11.06
C PRO D 5 9.55 -50.66 -9.88
N LYS D 6 9.86 -49.40 -9.61
CA LYS D 6 9.20 -48.69 -8.52
C LYS D 6 8.98 -47.22 -8.88
N VAL D 7 7.71 -46.81 -8.92
CA VAL D 7 7.37 -45.43 -9.26
C VAL D 7 7.76 -44.46 -8.17
N SER D 8 8.53 -43.43 -8.52
CA SER D 8 8.94 -42.42 -7.55
C SER D 8 8.23 -41.13 -7.91
N LEU D 9 8.15 -40.20 -6.96
CA LEU D 9 7.49 -38.91 -7.21
C LEU D 9 8.41 -37.75 -6.88
N ASN D 10 8.15 -36.62 -7.52
CA ASN D 10 8.95 -35.43 -7.29
C ASN D 10 8.12 -34.21 -7.65
N PRO D 11 7.75 -33.42 -6.63
CA PRO D 11 8.02 -33.56 -5.20
C PRO D 11 7.61 -34.93 -4.64
N PRO D 12 8.09 -35.29 -3.43
CA PRO D 12 7.75 -36.58 -2.83
C PRO D 12 6.28 -36.61 -2.40
N TRP D 13 5.71 -35.42 -2.21
CA TRP D 13 4.32 -35.28 -1.79
C TRP D 13 3.37 -36.08 -2.67
N ASN D 14 2.60 -36.97 -2.05
CA ASN D 14 1.67 -37.75 -2.82
C ASN D 14 0.23 -37.30 -2.59
N ARG D 15 0.08 -36.13 -1.98
CA ARG D 15 -1.24 -35.55 -1.75
C ARG D 15 -1.01 -34.12 -2.19
N ILE D 16 -1.70 -33.69 -3.23
CA ILE D 16 -1.47 -32.33 -3.69
C ILE D 16 -2.73 -31.55 -3.94
N PHE D 17 -2.52 -30.25 -4.06
CA PHE D 17 -3.58 -29.29 -4.32
C PHE D 17 -3.96 -29.24 -5.79
N LYS D 18 -5.18 -28.77 -6.04
CA LYS D 18 -5.67 -28.66 -7.39
C LYS D 18 -4.82 -27.65 -8.14
N GLY D 19 -4.30 -28.07 -9.28
CA GLY D 19 -3.51 -27.16 -10.11
C GLY D 19 -2.01 -27.28 -9.96
N GLU D 20 -1.57 -28.05 -8.97
CA GLU D 20 -0.14 -28.21 -8.76
C GLU D 20 0.41 -29.22 -9.78
N ASN D 21 1.73 -29.39 -9.83
CA ASN D 21 2.34 -30.31 -10.78
C ASN D 21 3.18 -31.37 -10.08
N VAL D 22 3.25 -32.57 -10.66
CA VAL D 22 4.06 -33.61 -10.04
C VAL D 22 4.59 -34.52 -11.13
N THR D 23 5.81 -35.01 -10.96
CA THR D 23 6.41 -35.89 -11.95
C THR D 23 6.60 -37.32 -11.48
N LEU D 24 6.09 -38.30 -12.23
CA LEU D 24 6.25 -39.69 -11.82
C LEU D 24 7.31 -40.43 -12.65
N THR D 25 8.52 -40.53 -12.12
CA THR D 25 9.60 -41.24 -12.78
C THR D 25 9.35 -42.70 -12.52
N CYS D 26 9.83 -43.56 -13.41
CA CYS D 26 9.60 -44.99 -13.24
C CYS D 26 10.66 -45.80 -12.49
N ASN D 27 11.93 -45.43 -12.53
CA ASN D 27 12.87 -46.26 -11.80
C ASN D 27 14.03 -45.71 -10.97
N GLY D 28 14.59 -44.56 -11.35
CA GLY D 28 15.71 -44.08 -10.57
C GLY D 28 15.89 -42.62 -10.21
N ASN D 29 16.94 -42.40 -9.43
CA ASN D 29 17.33 -41.10 -8.87
C ASN D 29 17.85 -39.98 -9.81
N ASN D 30 19.01 -40.16 -10.45
CA ASN D 30 19.58 -39.11 -11.29
C ASN D 30 19.54 -39.24 -12.82
N PHE D 31 20.11 -40.31 -13.38
CA PHE D 31 20.16 -40.44 -14.84
C PHE D 31 19.71 -41.78 -15.42
N PHE D 32 18.55 -41.83 -16.08
CA PHE D 32 18.06 -43.07 -16.69
C PHE D 32 17.29 -42.80 -17.99
N GLU D 33 17.98 -42.98 -19.11
CA GLU D 33 17.41 -42.72 -20.42
C GLU D 33 17.04 -43.98 -21.20
N VAL D 34 15.74 -44.15 -21.47
CA VAL D 34 15.21 -45.29 -22.24
C VAL D 34 13.83 -44.89 -22.76
N SER D 35 13.28 -45.65 -23.72
CA SER D 35 11.99 -45.29 -24.28
C SER D 35 10.75 -46.13 -23.98
N SER D 36 10.73 -47.40 -24.39
CA SER D 36 9.55 -48.24 -24.15
C SER D 36 9.15 -48.34 -22.68
N THR D 37 8.01 -47.75 -22.35
CA THR D 37 7.47 -47.73 -21.00
C THR D 37 5.95 -47.74 -21.00
N LYS D 38 5.36 -48.23 -19.92
CA LYS D 38 3.90 -48.33 -19.81
C LYS D 38 3.36 -47.65 -18.54
N TRP D 39 2.29 -46.87 -18.69
CA TRP D 39 1.66 -46.18 -17.55
C TRP D 39 0.19 -46.54 -17.45
N PHE D 40 -0.25 -46.92 -16.25
CA PHE D 40 -1.63 -47.30 -16.08
C PHE D 40 -2.32 -46.47 -15.04
N HIS D 41 -3.05 -45.46 -15.48
CA HIS D 41 -3.80 -44.60 -14.58
C HIS D 41 -5.18 -45.20 -14.36
N ASN D 42 -5.46 -45.67 -13.16
CA ASN D 42 -6.74 -46.32 -12.85
C ASN D 42 -6.87 -47.55 -13.75
N GLY D 43 -5.75 -48.27 -13.92
CA GLY D 43 -5.76 -49.47 -14.72
C GLY D 43 -5.75 -49.25 -16.24
N SER D 44 -6.38 -48.16 -16.69
CA SER D 44 -6.43 -47.85 -18.11
C SER D 44 -5.04 -47.43 -18.60
N LEU D 45 -4.57 -48.03 -19.69
CA LEU D 45 -3.26 -47.69 -20.23
C LEU D 45 -3.19 -46.21 -20.64
N SER D 46 -2.03 -45.59 -20.39
CA SER D 46 -1.85 -44.19 -20.72
C SER D 46 -1.18 -44.08 -22.06
N GLU D 47 -1.19 -42.86 -22.61
CA GLU D 47 -0.61 -42.61 -23.91
C GLU D 47 0.86 -42.21 -23.92
N GLU D 48 1.44 -41.92 -22.76
CA GLU D 48 2.85 -41.53 -22.70
C GLU D 48 3.75 -42.76 -22.69
N THR D 49 4.96 -42.61 -23.23
CA THR D 49 5.92 -43.72 -23.28
C THR D 49 7.24 -43.38 -22.57
N ASN D 50 7.58 -42.11 -22.46
CA ASN D 50 8.82 -41.70 -21.80
C ASN D 50 8.77 -42.13 -20.34
N SER D 51 9.89 -42.61 -19.82
CA SER D 51 9.95 -43.06 -18.43
C SER D 51 9.44 -42.05 -17.42
N SER D 52 9.34 -40.79 -17.82
CA SER D 52 8.86 -39.76 -16.93
C SER D 52 7.52 -39.22 -17.38
N LEU D 53 6.48 -39.50 -16.60
CA LEU D 53 5.14 -39.05 -16.91
C LEU D 53 4.80 -37.82 -16.09
N ASN D 54 4.79 -36.65 -16.73
CA ASN D 54 4.49 -35.40 -16.05
C ASN D 54 3.01 -35.20 -15.84
N ILE D 55 2.69 -34.32 -14.91
CA ILE D 55 1.31 -33.95 -14.59
C ILE D 55 1.30 -32.46 -14.37
N VAL D 56 0.54 -31.74 -15.19
CA VAL D 56 0.46 -30.30 -15.06
C VAL D 56 -0.83 -29.96 -14.35
N ASN D 57 -1.20 -28.68 -14.35
CA ASN D 57 -2.42 -28.24 -13.67
C ASN D 57 -3.25 -29.43 -13.26
N ALA D 58 -2.98 -29.94 -12.05
CA ALA D 58 -3.69 -31.10 -11.52
C ALA D 58 -5.20 -30.88 -11.45
N LYS D 59 -5.95 -31.83 -11.99
CA LYS D 59 -7.39 -31.76 -11.98
C LYS D 59 -7.80 -32.94 -11.14
N PHE D 60 -8.91 -32.83 -10.43
CA PHE D 60 -9.37 -33.92 -9.60
C PHE D 60 -9.25 -35.28 -10.27
N GLU D 61 -9.50 -35.32 -11.58
CA GLU D 61 -9.42 -36.56 -12.34
C GLU D 61 -8.05 -37.19 -12.31
N ASP D 62 -7.03 -36.38 -12.02
CA ASP D 62 -5.68 -36.90 -11.97
C ASP D 62 -5.48 -37.76 -10.74
N SER D 63 -6.34 -37.58 -9.75
CA SER D 63 -6.26 -38.37 -8.53
C SER D 63 -6.40 -39.82 -8.97
N GLY D 64 -5.63 -40.73 -8.41
CA GLY D 64 -5.77 -42.10 -8.82
C GLY D 64 -4.63 -43.04 -8.48
N GLU D 65 -4.68 -44.22 -9.08
CA GLU D 65 -3.70 -45.28 -8.88
C GLU D 65 -2.83 -45.31 -10.12
N TYR D 66 -1.53 -45.23 -9.94
CA TYR D 66 -0.62 -45.27 -11.08
C TYR D 66 0.42 -46.37 -10.93
N LYS D 67 0.94 -46.82 -12.08
CA LYS D 67 1.97 -47.86 -12.12
C LYS D 67 2.62 -47.90 -13.51
N CYS D 68 3.86 -48.37 -13.57
CA CYS D 68 4.57 -48.47 -14.84
C CYS D 68 5.11 -49.90 -14.99
N GLN D 69 5.48 -50.25 -16.22
CA GLN D 69 6.02 -51.57 -16.53
C GLN D 69 6.90 -51.45 -17.77
N HIS D 70 7.81 -52.42 -17.95
CA HIS D 70 8.71 -52.41 -19.11
C HIS D 70 8.44 -53.55 -20.08
N GLN D 71 9.33 -53.71 -21.05
CA GLN D 71 9.17 -54.75 -22.05
C GLN D 71 9.04 -56.13 -21.43
N GLN D 72 10.02 -56.51 -20.62
CA GLN D 72 10.00 -57.81 -19.97
C GLN D 72 10.10 -57.68 -18.45
N VAL D 73 9.07 -57.07 -17.85
CA VAL D 73 9.06 -56.88 -16.40
C VAL D 73 7.65 -56.83 -15.85
N ASN D 74 7.51 -57.13 -14.57
CA ASN D 74 6.21 -57.06 -13.95
C ASN D 74 5.91 -55.67 -13.46
N GLU D 75 4.70 -55.19 -13.78
CA GLU D 75 4.28 -53.86 -13.39
C GLU D 75 4.66 -53.55 -11.94
N SER D 76 4.89 -52.28 -11.67
CA SER D 76 5.28 -51.81 -10.35
C SER D 76 4.13 -51.74 -9.35
N GLU D 77 4.48 -51.62 -8.08
CA GLU D 77 3.49 -51.51 -7.04
C GLU D 77 2.89 -50.13 -7.23
N PRO D 78 1.56 -50.05 -7.38
CA PRO D 78 0.78 -48.84 -7.59
C PRO D 78 1.17 -47.73 -6.66
N VAL D 79 1.08 -46.50 -7.15
CA VAL D 79 1.38 -45.33 -6.34
C VAL D 79 0.12 -44.48 -6.39
N TYR D 80 -0.44 -44.19 -5.21
CA TYR D 80 -1.68 -43.41 -5.18
C TYR D 80 -1.48 -41.92 -5.06
N LEU D 81 -2.27 -41.18 -5.80
CA LEU D 81 -2.14 -39.74 -5.77
C LEU D 81 -3.49 -39.13 -5.50
N GLU D 82 -3.58 -38.24 -4.52
CA GLU D 82 -4.86 -37.60 -4.20
C GLU D 82 -4.76 -36.08 -4.31
N VAL D 83 -5.73 -35.49 -5.01
CA VAL D 83 -5.75 -34.04 -5.20
C VAL D 83 -6.76 -33.36 -4.30
N PHE D 84 -6.36 -32.24 -3.72
CA PHE D 84 -7.21 -31.52 -2.81
C PHE D 84 -7.46 -30.07 -3.15
N SER D 85 -8.50 -29.55 -2.51
CA SER D 85 -8.92 -28.16 -2.61
C SER D 85 -9.25 -27.80 -1.15
N ASP D 86 -8.44 -26.93 -0.55
CA ASP D 86 -8.67 -26.54 0.84
C ASP D 86 -7.59 -25.51 1.21
N TRP D 87 -7.79 -24.78 2.30
CA TRP D 87 -6.83 -23.77 2.73
C TRP D 87 -5.49 -24.37 3.07
N LEU D 88 -5.50 -25.37 3.91
CA LEU D 88 -4.27 -26.02 4.30
C LEU D 88 -4.31 -27.50 3.99
N LEU D 89 -3.15 -28.04 3.63
CA LEU D 89 -3.08 -29.44 3.31
C LEU D 89 -1.89 -30.03 4.01
N LEU D 90 -2.09 -31.08 4.80
CA LEU D 90 -0.96 -31.67 5.49
C LEU D 90 -0.29 -32.68 4.55
N GLN D 91 0.98 -32.49 4.24
CA GLN D 91 1.62 -33.42 3.32
C GLN D 91 2.62 -34.36 3.98
N ALA D 92 2.68 -35.60 3.53
CA ALA D 92 3.61 -36.50 4.16
C ALA D 92 4.52 -37.17 3.15
N SER D 93 5.77 -37.37 3.54
CA SER D 93 6.72 -38.03 2.66
C SER D 93 6.10 -39.38 2.31
N ALA D 94 5.83 -40.17 3.32
CA ALA D 94 5.24 -41.48 3.14
C ALA D 94 4.17 -41.62 4.18
N GLU D 95 3.09 -42.32 3.86
CA GLU D 95 2.03 -42.51 4.84
C GLU D 95 2.27 -43.72 5.73
N VAL D 96 3.19 -44.58 5.31
CA VAL D 96 3.52 -45.81 6.05
C VAL D 96 5.04 -45.94 6.09
N VAL D 97 5.63 -46.22 7.23
CA VAL D 97 7.07 -46.27 7.30
C VAL D 97 7.64 -47.34 8.21
N MET D 98 8.72 -47.97 7.75
CA MET D 98 9.44 -49.03 8.48
C MET D 98 10.17 -48.39 9.66
N GLU D 99 9.96 -48.92 10.86
CA GLU D 99 10.62 -48.39 12.05
C GLU D 99 12.06 -48.12 11.65
N GLY D 100 12.53 -46.90 11.90
CA GLY D 100 13.91 -46.58 11.56
C GLY D 100 14.14 -45.65 10.38
N GLN D 101 13.15 -45.50 9.51
CA GLN D 101 13.28 -44.63 8.35
C GLN D 101 12.94 -43.18 8.64
N PRO D 102 13.18 -42.30 7.68
CA PRO D 102 12.87 -40.89 7.89
C PRO D 102 11.41 -40.61 7.57
N LEU D 103 10.88 -39.57 8.20
CA LEU D 103 9.49 -39.16 7.98
C LEU D 103 9.37 -37.65 7.92
N PHE D 104 8.76 -37.12 6.86
CA PHE D 104 8.61 -35.67 6.75
C PHE D 104 7.17 -35.24 6.60
N LEU D 105 6.74 -34.33 7.47
CA LEU D 105 5.38 -33.79 7.38
C LEU D 105 5.51 -32.32 7.03
N ARG D 106 4.58 -31.82 6.22
CA ARG D 106 4.65 -30.43 5.82
C ARG D 106 3.25 -29.82 5.85
N CYS D 107 3.10 -28.67 6.51
CA CYS D 107 1.82 -27.98 6.54
C CYS D 107 1.90 -27.05 5.34
N HIS D 108 1.16 -27.40 4.30
CA HIS D 108 1.16 -26.67 3.05
C HIS D 108 -0.04 -25.76 2.86
N GLY D 109 0.24 -24.51 2.55
CA GLY D 109 -0.82 -23.54 2.36
C GLY D 109 -1.21 -23.48 0.91
N TRP D 110 -2.46 -23.10 0.66
CA TRP D 110 -2.97 -23.00 -0.70
C TRP D 110 -2.17 -22.01 -1.54
N ARG D 111 -2.16 -22.24 -2.86
CA ARG D 111 -1.42 -21.40 -3.80
C ARG D 111 0.00 -21.08 -3.33
N ASN D 112 0.49 -21.88 -2.39
CA ASN D 112 1.83 -21.71 -1.88
C ASN D 112 1.97 -20.41 -1.11
N TRP D 113 0.85 -19.89 -0.61
CA TRP D 113 0.92 -18.66 0.17
C TRP D 113 1.76 -18.91 1.41
N ASP D 114 1.79 -17.92 2.30
CA ASP D 114 2.57 -18.05 3.52
C ASP D 114 1.65 -18.27 4.71
N VAL D 115 2.09 -19.10 5.64
CA VAL D 115 1.30 -19.40 6.83
C VAL D 115 2.09 -19.02 8.07
N TYR D 116 1.39 -18.51 9.07
CA TYR D 116 2.02 -18.11 10.31
C TYR D 116 1.35 -18.75 11.52
N LYS D 117 2.02 -18.68 12.67
CA LYS D 117 1.49 -19.26 13.88
C LYS D 117 1.05 -20.69 13.57
N VAL D 118 1.99 -21.49 13.09
CA VAL D 118 1.70 -22.87 12.75
C VAL D 118 1.86 -23.84 13.91
N ILE D 119 0.93 -24.78 14.01
CA ILE D 119 0.98 -25.76 15.06
C ILE D 119 0.62 -27.13 14.51
N TYR D 120 1.48 -28.13 14.72
CA TYR D 120 1.17 -29.47 14.22
C TYR D 120 0.53 -30.22 15.37
N TYR D 121 -0.49 -31.02 15.08
CA TYR D 121 -1.15 -31.80 16.13
C TYR D 121 -1.08 -33.30 15.86
N LYS D 122 -0.85 -34.07 16.91
CA LYS D 122 -0.81 -35.52 16.80
C LYS D 122 -1.73 -36.12 17.84
N ASP D 123 -2.79 -36.76 17.38
CA ASP D 123 -3.74 -37.40 18.29
C ASP D 123 -4.39 -36.37 19.21
N GLY D 124 -4.72 -35.21 18.64
CA GLY D 124 -5.38 -34.16 19.39
C GLY D 124 -4.49 -33.33 20.29
N GLU D 125 -3.23 -33.73 20.42
CA GLU D 125 -2.27 -33.02 21.27
C GLU D 125 -1.45 -32.02 20.46
N ALA D 126 -1.12 -30.89 21.07
CA ALA D 126 -0.29 -29.89 20.40
C ALA D 126 1.06 -30.58 20.31
N LEU D 127 1.85 -30.25 19.28
CA LEU D 127 3.14 -30.92 19.11
C LEU D 127 4.34 -30.04 18.87
N LYS D 128 4.25 -29.12 17.91
CA LYS D 128 5.33 -28.18 17.64
C LYS D 128 4.67 -26.86 17.24
N TYR D 129 5.34 -25.73 17.47
CA TYR D 129 4.76 -24.44 17.10
C TYR D 129 5.81 -23.52 16.54
N TRP D 130 5.45 -22.76 15.51
CA TRP D 130 6.39 -21.83 14.90
C TRP D 130 5.67 -20.59 14.36
N TYR D 131 6.38 -19.48 14.23
CA TYR D 131 5.76 -18.26 13.69
C TYR D 131 5.70 -18.35 12.17
N GLU D 132 6.87 -18.28 11.53
CA GLU D 132 6.95 -18.42 10.08
C GLU D 132 6.96 -19.93 10.09
N ASN D 133 6.13 -20.58 9.27
CA ASN D 133 6.07 -22.03 9.34
C ASN D 133 7.27 -22.87 8.90
N HIS D 134 7.34 -24.07 9.44
CA HIS D 134 8.43 -24.96 9.19
C HIS D 134 7.97 -26.27 8.52
N ASN D 135 8.62 -27.37 8.89
CA ASN D 135 8.33 -28.71 8.38
C ASN D 135 8.75 -29.58 9.54
N ILE D 136 7.82 -30.23 10.20
CA ILE D 136 8.25 -31.10 11.28
C ILE D 136 9.03 -32.19 10.54
N SER D 137 10.23 -32.52 11.01
CA SER D 137 11.06 -33.53 10.34
C SER D 137 11.65 -34.58 11.27
N ILE D 138 11.63 -35.82 10.82
CA ILE D 138 12.11 -36.94 11.62
C ILE D 138 13.12 -37.83 10.92
N THR D 139 14.31 -37.93 11.50
CA THR D 139 15.35 -38.75 10.92
C THR D 139 15.02 -40.21 11.10
N ASN D 140 15.17 -40.69 12.34
CA ASN D 140 14.90 -42.10 12.68
C ASN D 140 13.55 -42.18 13.36
N ALA D 141 12.61 -42.87 12.74
CA ALA D 141 11.26 -42.96 13.29
C ALA D 141 10.96 -44.08 14.21
N THR D 142 10.45 -43.72 15.37
CA THR D 142 10.08 -44.65 16.39
C THR D 142 8.73 -45.18 15.94
N VAL D 143 8.20 -46.16 16.68
CA VAL D 143 6.89 -46.71 16.35
C VAL D 143 5.86 -45.92 17.11
N GLU D 144 6.33 -45.11 18.05
CA GLU D 144 5.42 -44.31 18.84
C GLU D 144 5.01 -43.07 18.04
N ASP D 145 5.67 -42.84 16.91
CA ASP D 145 5.36 -41.69 16.08
C ASP D 145 4.12 -41.92 15.24
N SER D 146 3.64 -43.15 15.22
CA SER D 146 2.45 -43.44 14.44
C SER D 146 1.31 -42.66 15.10
N GLY D 147 0.32 -42.28 14.31
CA GLY D 147 -0.81 -41.57 14.88
C GLY D 147 -1.58 -40.85 13.80
N THR D 148 -2.40 -39.88 14.20
CA THR D 148 -3.14 -39.10 13.21
C THR D 148 -2.79 -37.63 13.41
N TYR D 149 -2.22 -37.04 12.38
CA TYR D 149 -1.78 -35.67 12.44
C TYR D 149 -2.70 -34.75 11.67
N TYR D 150 -2.50 -33.47 11.92
CA TYR D 150 -3.18 -32.35 11.29
C TYR D 150 -2.51 -31.06 11.80
N CYS D 151 -2.60 -29.98 11.03
CA CYS D 151 -1.98 -28.74 11.44
C CYS D 151 -2.93 -27.57 11.37
N THR D 152 -2.61 -26.53 12.14
CA THR D 152 -3.41 -25.32 12.16
C THR D 152 -2.48 -24.17 11.85
N GLY D 153 -3.03 -23.13 11.24
CA GLY D 153 -2.22 -21.97 10.88
C GLY D 153 -3.08 -20.80 10.46
N LYS D 154 -2.50 -19.62 10.41
CA LYS D 154 -3.23 -18.40 10.04
C LYS D 154 -2.79 -17.89 8.69
N VAL D 155 -3.73 -17.84 7.77
CA VAL D 155 -3.46 -17.39 6.41
C VAL D 155 -4.08 -16.02 6.25
N TRP D 156 -3.31 -15.09 5.72
CA TRP D 156 -3.79 -13.72 5.55
C TRP D 156 -4.02 -13.22 6.96
N GLN D 157 -5.24 -13.36 7.44
CA GLN D 157 -5.56 -12.93 8.77
C GLN D 157 -6.57 -13.82 9.47
N LEU D 158 -6.82 -14.99 8.89
CA LEU D 158 -7.75 -15.93 9.49
C LEU D 158 -7.11 -17.28 9.83
N ASP D 159 -7.70 -17.97 10.80
CA ASP D 159 -7.19 -19.25 11.24
C ASP D 159 -7.84 -20.38 10.46
N TYR D 160 -7.05 -21.40 10.15
CA TYR D 160 -7.55 -22.56 9.41
C TYR D 160 -6.97 -23.88 9.90
N GLU D 161 -7.79 -24.93 9.78
CA GLU D 161 -7.41 -26.26 10.21
C GLU D 161 -7.39 -27.19 9.00
N SER D 162 -6.42 -28.08 8.98
CA SER D 162 -6.25 -29.04 7.88
C SER D 162 -6.97 -30.37 8.07
N GLU D 163 -7.06 -31.12 6.97
CA GLU D 163 -7.70 -32.43 7.03
C GLU D 163 -6.76 -33.29 7.81
N PRO D 164 -7.29 -34.15 8.66
CA PRO D 164 -6.44 -35.03 9.45
C PRO D 164 -5.82 -36.08 8.54
N LEU D 165 -4.68 -36.62 8.97
CA LEU D 165 -3.99 -37.64 8.17
C LEU D 165 -3.37 -38.68 9.05
N ASN D 166 -3.73 -39.93 8.80
CA ASN D 166 -3.19 -41.01 9.59
C ASN D 166 -1.79 -41.39 9.13
N ILE D 167 -1.03 -42.00 10.02
CA ILE D 167 0.31 -42.36 9.65
C ILE D 167 0.73 -43.54 10.45
N THR D 168 1.23 -44.56 9.76
CA THR D 168 1.64 -45.74 10.46
C THR D 168 3.10 -46.07 10.29
N VAL D 169 3.72 -46.50 11.37
CA VAL D 169 5.11 -46.88 11.38
C VAL D 169 5.12 -48.32 11.84
N ILE D 170 5.37 -49.23 10.91
CA ILE D 170 5.38 -50.65 11.23
C ILE D 170 6.80 -51.04 11.65
N LYS D 171 6.98 -52.26 12.11
CA LYS D 171 8.30 -52.72 12.54
C LYS D 171 8.73 -54.02 11.89
N LYS E 4 2.79 11.76 -14.75
CA LYS E 4 3.13 13.05 -14.08
C LYS E 4 3.68 14.07 -15.07
N PRO E 5 2.80 14.80 -15.78
CA PRO E 5 3.22 15.80 -16.76
C PRO E 5 3.57 17.15 -16.14
N LYS E 6 4.30 17.97 -16.89
CA LYS E 6 4.69 19.29 -16.42
C LYS E 6 4.69 20.30 -17.57
N VAL E 7 3.79 21.27 -17.49
CA VAL E 7 3.67 22.30 -18.51
C VAL E 7 4.89 23.21 -18.50
N SER E 8 5.52 23.37 -19.65
CA SER E 8 6.68 24.24 -19.75
C SER E 8 6.27 25.43 -20.62
N LEU E 9 7.02 26.54 -20.52
CA LEU E 9 6.71 27.73 -21.31
C LEU E 9 7.89 28.18 -22.16
N ASN E 10 7.59 28.86 -23.26
CA ASN E 10 8.64 29.36 -24.13
C ASN E 10 8.12 30.57 -24.88
N PRO E 11 8.65 31.77 -24.57
CA PRO E 11 9.68 32.09 -23.58
C PRO E 11 9.34 31.58 -22.18
N PRO E 12 10.34 31.50 -21.29
CA PRO E 12 10.10 31.02 -19.93
C PRO E 12 9.23 32.00 -19.15
N TRP E 13 9.23 33.26 -19.59
CA TRP E 13 8.49 34.32 -18.93
C TRP E 13 7.04 33.93 -18.72
N ASN E 14 6.59 33.97 -17.47
CA ASN E 14 5.21 33.62 -17.18
C ASN E 14 4.40 34.85 -16.85
N ARG E 15 4.96 36.02 -17.13
CA ARG E 15 4.26 37.29 -16.91
C ARG E 15 4.52 38.01 -18.21
N ILE E 16 3.48 38.28 -18.98
CA ILE E 16 3.71 38.94 -20.26
C ILE E 16 2.81 40.11 -20.55
N PHE E 17 3.25 40.90 -21.53
CA PHE E 17 2.55 42.09 -21.97
C PHE E 17 1.38 41.73 -22.88
N LYS E 18 0.43 42.65 -22.96
CA LYS E 18 -0.72 42.46 -23.80
C LYS E 18 -0.26 42.40 -25.25
N GLY E 19 -0.67 41.35 -25.94
CA GLY E 19 -0.33 41.21 -27.35
C GLY E 19 0.87 40.36 -27.68
N GLU E 20 1.63 39.94 -26.68
CA GLU E 20 2.79 39.12 -26.98
C GLU E 20 2.35 37.68 -27.22
N ASN E 21 3.29 36.83 -27.63
CA ASN E 21 2.99 35.41 -27.85
C ASN E 21 3.78 34.47 -26.95
N VAL E 22 3.17 33.36 -26.55
CA VAL E 22 3.84 32.38 -25.70
C VAL E 22 3.30 30.99 -26.05
N THR E 23 4.16 29.97 -25.89
CA THR E 23 3.79 28.60 -26.22
C THR E 23 3.84 27.64 -25.04
N LEU E 24 2.76 26.93 -24.76
CA LEU E 24 2.77 26.01 -23.63
C LEU E 24 2.89 24.55 -24.07
N THR E 25 4.09 24.01 -23.95
CA THR E 25 4.34 22.62 -24.29
C THR E 25 3.98 21.72 -23.10
N CYS E 26 3.38 20.56 -23.37
CA CYS E 26 3.00 19.67 -22.29
C CYS E 26 4.11 18.73 -21.78
N ASN E 27 5.36 19.04 -22.14
CA ASN E 27 6.51 18.26 -21.68
C ASN E 27 7.88 18.74 -22.18
N GLY E 28 8.92 18.30 -21.47
CA GLY E 28 10.32 18.61 -21.73
C GLY E 28 10.77 19.51 -22.87
N ASN E 29 11.32 18.89 -23.91
CA ASN E 29 11.83 19.61 -25.08
C ASN E 29 10.82 19.72 -26.20
N ASN E 30 11.00 20.72 -27.06
CA ASN E 30 10.11 20.96 -28.19
C ASN E 30 10.46 20.04 -29.37
N PHE E 31 11.52 19.25 -29.21
CA PHE E 31 11.92 18.30 -30.24
C PHE E 31 10.99 17.10 -30.21
N PHE E 32 10.24 16.94 -29.11
CA PHE E 32 9.28 15.85 -28.93
C PHE E 32 7.85 16.23 -29.26
N GLU E 33 7.09 15.26 -29.79
CA GLU E 33 5.69 15.49 -30.16
C GLU E 33 4.81 14.38 -29.57
N VAL E 34 3.52 14.65 -29.46
CA VAL E 34 2.53 13.72 -28.93
C VAL E 34 1.11 14.20 -29.27
N SER E 35 0.16 13.27 -29.32
CA SER E 35 -1.24 13.57 -29.62
C SER E 35 -2.16 13.15 -28.47
N SER E 36 -3.39 13.65 -28.49
CA SER E 36 -4.41 13.39 -27.48
C SER E 36 -4.07 14.05 -26.15
N THR E 37 -3.82 15.36 -26.20
CA THR E 37 -3.48 16.13 -25.02
C THR E 37 -4.66 16.99 -24.62
N LYS E 38 -4.87 17.13 -23.32
CA LYS E 38 -5.97 17.93 -22.80
C LYS E 38 -5.46 19.25 -22.21
N TRP E 39 -6.21 20.33 -22.42
CA TRP E 39 -5.83 21.63 -21.87
C TRP E 39 -6.97 22.23 -21.08
N PHE E 40 -6.69 22.69 -19.87
CA PHE E 40 -7.72 23.27 -19.06
C PHE E 40 -7.39 24.70 -18.65
N HIS E 41 -7.95 25.65 -19.39
CA HIS E 41 -7.74 27.05 -19.09
C HIS E 41 -8.78 27.50 -18.06
N ASN E 42 -8.34 27.74 -16.83
CA ASN E 42 -9.23 28.16 -15.75
C ASN E 42 -10.14 27.00 -15.35
N GLY E 43 -9.74 25.78 -15.67
CA GLY E 43 -10.57 24.63 -15.35
C GLY E 43 -11.41 24.15 -16.54
N SER E 44 -11.88 25.10 -17.36
CA SER E 44 -12.70 24.78 -18.53
C SER E 44 -11.84 24.11 -19.59
N LEU E 45 -12.28 22.97 -20.11
CA LEU E 45 -11.51 22.26 -21.14
C LEU E 45 -11.33 23.11 -22.39
N SER E 46 -10.15 23.00 -23.00
CA SER E 46 -9.85 23.76 -24.19
C SER E 46 -10.14 22.93 -25.42
N GLU E 47 -10.17 23.58 -26.56
CA GLU E 47 -10.45 22.92 -27.83
C GLU E 47 -9.22 22.35 -28.55
N GLU E 48 -8.03 22.69 -28.08
CA GLU E 48 -6.82 22.18 -28.70
C GLU E 48 -6.50 20.77 -28.18
N THR E 49 -5.80 19.98 -28.99
CA THR E 49 -5.44 18.62 -28.62
C THR E 49 -3.93 18.37 -28.74
N ASN E 50 -3.30 19.07 -29.68
CA ASN E 50 -1.86 18.97 -29.92
C ASN E 50 -1.17 19.24 -28.59
N SER E 51 0.00 18.65 -28.37
CA SER E 51 0.71 18.84 -27.11
C SER E 51 1.16 20.29 -26.93
N SER E 52 1.24 21.03 -28.02
CA SER E 52 1.68 22.42 -27.95
C SER E 52 0.52 23.38 -28.18
N LEU E 53 0.13 24.06 -27.11
CA LEU E 53 -0.95 25.04 -27.17
C LEU E 53 -0.40 26.45 -27.29
N ASN E 54 -0.49 27.01 -28.49
CA ASN E 54 0.01 28.36 -28.72
C ASN E 54 -0.94 29.44 -28.23
N ILE E 55 -0.39 30.63 -28.06
CA ILE E 55 -1.14 31.80 -27.64
C ILE E 55 -0.59 32.96 -28.44
N VAL E 56 -1.47 33.60 -29.22
CA VAL E 56 -1.08 34.73 -30.04
C VAL E 56 -1.55 35.99 -29.35
N ASN E 57 -1.50 37.13 -30.04
CA ASN E 57 -1.93 38.40 -29.46
C ASN E 57 -2.63 38.16 -28.12
N ALA E 58 -1.83 38.17 -27.06
CA ALA E 58 -2.34 37.96 -25.71
C ALA E 58 -3.39 38.98 -25.33
N LYS E 59 -4.52 38.47 -24.84
CA LYS E 59 -5.62 39.29 -24.42
C LYS E 59 -5.73 39.02 -22.93
N PHE E 60 -6.09 40.05 -22.16
CA PHE E 60 -6.22 39.91 -20.72
C PHE E 60 -6.89 38.58 -20.34
N GLU E 61 -7.87 38.16 -21.14
CA GLU E 61 -8.59 36.92 -20.88
C GLU E 61 -7.68 35.69 -20.90
N ASP E 62 -6.53 35.82 -21.55
CA ASP E 62 -5.60 34.70 -21.63
C ASP E 62 -4.91 34.46 -20.29
N SER E 63 -4.93 35.49 -19.44
CA SER E 63 -4.34 35.36 -18.11
C SER E 63 -5.10 34.22 -17.46
N GLY E 64 -4.42 33.37 -16.72
CA GLY E 64 -5.14 32.30 -16.08
C GLY E 64 -4.32 31.12 -15.61
N GLU E 65 -5.03 30.06 -15.23
CA GLU E 65 -4.43 28.83 -14.73
C GLU E 65 -4.51 27.81 -15.85
N TYR E 66 -3.38 27.21 -16.21
CA TYR E 66 -3.38 26.21 -17.27
C TYR E 66 -2.81 24.89 -16.79
N LYS E 67 -3.23 23.81 -17.46
CA LYS E 67 -2.76 22.46 -17.15
C LYS E 67 -3.11 21.51 -18.29
N CYS E 68 -2.33 20.44 -18.41
CA CYS E 68 -2.59 19.44 -19.44
C CYS E 68 -2.62 18.04 -18.81
N GLN E 69 -3.18 17.09 -19.56
CA GLN E 69 -3.31 15.71 -19.11
C GLN E 69 -3.37 14.79 -20.33
N HIS E 70 -3.04 13.51 -20.14
CA HIS E 70 -3.05 12.54 -21.22
C HIS E 70 -4.13 11.49 -21.06
N GLN E 71 -4.09 10.47 -21.92
CA GLN E 71 -5.08 9.41 -21.88
C GLN E 71 -5.15 8.75 -20.51
N GLN E 72 -4.02 8.25 -20.03
CA GLN E 72 -3.98 7.58 -18.73
C GLN E 72 -2.96 8.25 -17.80
N VAL E 73 -3.21 9.50 -17.44
CA VAL E 73 -2.30 10.23 -16.56
C VAL E 73 -3.06 11.29 -15.78
N ASN E 74 -2.50 11.69 -14.65
CA ASN E 74 -3.14 12.70 -13.84
C ASN E 74 -2.70 14.06 -14.36
N GLU E 75 -3.63 14.99 -14.45
CA GLU E 75 -3.34 16.33 -14.91
C GLU E 75 -2.10 16.94 -14.21
N SER E 76 -1.41 17.81 -14.93
CA SER E 76 -0.19 18.47 -14.45
C SER E 76 -0.44 19.56 -13.44
N GLU E 77 0.62 19.98 -12.76
CA GLU E 77 0.52 21.05 -11.77
C GLU E 77 0.25 22.35 -12.50
N PRO E 78 -0.94 22.92 -12.30
CA PRO E 78 -1.31 24.18 -12.96
C PRO E 78 -0.21 25.21 -12.99
N VAL E 79 -0.25 26.04 -14.02
CA VAL E 79 0.74 27.11 -14.17
C VAL E 79 0.03 28.40 -14.55
N TYR E 80 0.13 29.39 -13.66
CA TYR E 80 -0.54 30.65 -13.90
C TYR E 80 0.24 31.53 -14.84
N LEU E 81 -0.50 32.22 -15.68
CA LEU E 81 0.05 33.15 -16.65
C LEU E 81 -0.65 34.49 -16.42
N GLU E 82 0.11 35.57 -16.29
CA GLU E 82 -0.50 36.87 -16.08
C GLU E 82 -0.09 37.85 -17.18
N VAL E 83 -1.08 38.58 -17.71
CA VAL E 83 -0.84 39.54 -18.78
C VAL E 83 -0.91 40.97 -18.27
N PHE E 84 0.03 41.77 -18.73
CA PHE E 84 0.11 43.16 -18.30
C PHE E 84 0.10 44.20 -19.39
N SER E 85 -0.15 45.41 -18.93
CA SER E 85 -0.19 46.61 -19.74
C SER E 85 0.54 47.65 -18.87
N ASP E 86 1.74 48.04 -19.28
CA ASP E 86 2.51 49.02 -18.52
C ASP E 86 3.82 49.30 -19.27
N TRP E 87 4.52 50.36 -18.90
CA TRP E 87 5.77 50.70 -19.57
C TRP E 87 6.83 49.63 -19.37
N LEU E 88 7.06 49.22 -18.12
CA LEU E 88 8.06 48.19 -17.81
C LEU E 88 7.47 47.00 -17.05
N LEU E 89 7.97 45.81 -17.37
CA LEU E 89 7.50 44.61 -16.71
C LEU E 89 8.69 43.79 -16.27
N LEU E 90 8.75 43.43 -14.99
CA LEU E 90 9.86 42.61 -14.54
C LEU E 90 9.50 41.15 -14.75
N GLN E 91 10.32 40.43 -15.51
CA GLN E 91 10.01 39.03 -15.78
C GLN E 91 10.93 38.07 -15.10
N ALA E 92 10.38 36.96 -14.64
CA ALA E 92 11.21 36.00 -13.96
C ALA E 92 11.09 34.62 -14.54
N SER E 93 12.21 33.90 -14.54
CA SER E 93 12.22 32.55 -15.07
C SER E 93 11.19 31.81 -14.25
N ALA E 94 11.45 31.75 -12.95
CA ALA E 94 10.56 31.09 -12.01
C ALA E 94 10.36 31.99 -10.81
N GLU E 95 9.19 31.98 -10.21
CA GLU E 95 8.97 32.84 -9.06
C GLU E 95 9.42 32.17 -7.75
N VAL E 96 9.67 30.86 -7.79
CA VAL E 96 10.13 30.10 -6.61
C VAL E 96 11.28 29.19 -7.07
N VAL E 97 12.33 29.10 -6.27
CA VAL E 97 13.51 28.31 -6.68
C VAL E 97 14.19 27.46 -5.62
N MET E 98 14.45 26.20 -5.94
CA MET E 98 15.14 25.31 -5.00
C MET E 98 16.57 25.83 -4.87
N GLU E 99 17.03 26.00 -3.64
CA GLU E 99 18.38 26.48 -3.42
C GLU E 99 19.28 25.72 -4.39
N GLY E 100 20.07 26.44 -5.16
CA GLY E 100 20.99 25.79 -6.09
C GLY E 100 20.64 25.84 -7.56
N GLN E 101 19.40 26.16 -7.89
CA GLN E 101 18.99 26.25 -9.29
C GLN E 101 19.30 27.62 -9.93
N PRO E 102 19.08 27.73 -11.23
CA PRO E 102 19.34 29.00 -11.90
C PRO E 102 18.13 29.92 -11.79
N LEU E 103 18.37 31.23 -11.82
CA LEU E 103 17.30 32.21 -11.74
C LEU E 103 17.54 33.36 -12.71
N PHE E 104 16.55 33.68 -13.54
CA PHE E 104 16.74 34.76 -14.48
C PHE E 104 15.68 35.85 -14.36
N LEU E 105 16.13 37.07 -14.19
CA LEU E 105 15.20 38.20 -14.14
C LEU E 105 15.45 39.04 -15.37
N ARG E 106 14.38 39.61 -15.93
CA ARG E 106 14.53 40.42 -17.12
C ARG E 106 13.68 41.68 -17.02
N CYS E 107 14.30 42.85 -17.21
CA CYS E 107 13.55 44.11 -17.20
C CYS E 107 13.08 44.28 -18.64
N HIS E 108 11.79 44.04 -18.85
CA HIS E 108 11.20 44.09 -20.16
C HIS E 108 10.41 45.35 -20.44
N GLY E 109 10.74 46.00 -21.56
CA GLY E 109 10.06 47.22 -21.94
C GLY E 109 8.88 46.94 -22.84
N TRP E 110 7.90 47.82 -22.82
CA TRP E 110 6.70 47.65 -23.63
C TRP E 110 7.02 47.58 -25.13
N ARG E 111 6.15 46.89 -25.87
CA ARG E 111 6.32 46.72 -27.31
C ARG E 111 7.73 46.32 -27.69
N ASN E 112 8.46 45.82 -26.72
CA ASN E 112 9.84 45.37 -26.94
C ASN E 112 10.75 46.54 -27.29
N TRP E 113 10.36 47.75 -26.92
CA TRP E 113 11.21 48.90 -27.21
C TRP E 113 12.55 48.73 -26.52
N ASP E 114 13.37 49.77 -26.54
CA ASP E 114 14.67 49.70 -25.90
C ASP E 114 14.67 50.54 -24.63
N VAL E 115 15.38 50.05 -23.62
CA VAL E 115 15.46 50.76 -22.36
C VAL E 115 16.91 51.06 -22.03
N TYR E 116 17.13 52.20 -21.41
CA TYR E 116 18.48 52.60 -21.04
C TYR E 116 18.56 52.99 -19.58
N LYS E 117 19.79 53.10 -19.10
CA LYS E 117 20.03 53.46 -17.70
C LYS E 117 19.16 52.56 -16.83
N VAL E 118 19.35 51.26 -16.98
CA VAL E 118 18.58 50.28 -16.21
C VAL E 118 19.18 49.89 -14.87
N ILE E 119 18.32 49.81 -13.87
CA ILE E 119 18.76 49.48 -12.54
C ILE E 119 17.79 48.50 -11.91
N TYR E 120 18.30 47.36 -11.45
CA TYR E 120 17.45 46.37 -10.79
C TYR E 120 17.50 46.63 -9.29
N TYR E 121 16.37 46.52 -8.62
CA TYR E 121 16.35 46.75 -7.18
C TYR E 121 15.88 45.53 -6.44
N LYS E 122 16.51 45.25 -5.30
CA LYS E 122 16.09 44.14 -4.46
C LYS E 122 15.90 44.64 -3.04
N ASP E 123 14.66 44.58 -2.55
CA ASP E 123 14.37 45.04 -1.20
C ASP E 123 14.72 46.51 -1.03
N GLY E 124 14.39 47.31 -2.04
CA GLY E 124 14.63 48.74 -1.98
C GLY E 124 16.07 49.17 -2.21
N GLU E 125 16.98 48.22 -2.31
CA GLU E 125 18.39 48.52 -2.52
C GLU E 125 18.75 48.48 -3.99
N ALA E 126 19.64 49.36 -4.43
CA ALA E 126 20.07 49.34 -5.82
C ALA E 126 20.82 48.01 -5.93
N LEU E 127 20.87 47.41 -7.10
CA LEU E 127 21.56 46.13 -7.25
C LEU E 127 22.54 45.99 -8.42
N LYS E 128 22.09 46.32 -9.62
CA LYS E 128 22.95 46.28 -10.79
C LYS E 128 22.53 47.43 -11.70
N TYR E 129 23.45 47.90 -12.53
CA TYR E 129 23.14 49.00 -13.42
C TYR E 129 23.83 48.86 -14.75
N TRP E 130 23.17 49.29 -15.81
CA TRP E 130 23.72 49.23 -17.15
C TRP E 130 23.18 50.38 -17.99
N TYR E 131 23.80 50.63 -19.13
CA TYR E 131 23.32 51.69 -20.01
C TYR E 131 22.30 50.98 -20.90
N GLU E 132 22.78 50.31 -21.94
CA GLU E 132 21.88 49.53 -22.79
C GLU E 132 21.60 48.41 -21.79
N ASN E 133 20.33 48.16 -21.50
CA ASN E 133 19.98 47.16 -20.50
C ASN E 133 20.53 45.75 -20.72
N HIS E 134 20.41 44.95 -19.66
CA HIS E 134 20.90 43.57 -19.64
C HIS E 134 19.78 42.70 -19.07
N ASN E 135 20.12 41.50 -18.60
CA ASN E 135 19.14 40.62 -18.01
C ASN E 135 19.81 39.90 -16.85
N ILE E 136 19.87 40.56 -15.70
CA ILE E 136 20.49 39.99 -14.52
C ILE E 136 20.31 38.47 -14.51
N SER E 137 21.43 37.75 -14.38
CA SER E 137 21.40 36.29 -14.40
C SER E 137 22.09 35.62 -13.20
N ILE E 138 21.53 34.50 -12.74
CA ILE E 138 22.06 33.76 -11.61
C ILE E 138 22.12 32.27 -11.86
N THR E 139 23.34 31.75 -11.78
CA THR E 139 23.53 30.34 -12.01
C THR E 139 23.06 29.61 -10.76
N ASN E 140 23.91 29.69 -9.74
CA ASN E 140 23.71 29.06 -8.45
C ASN E 140 22.99 30.00 -7.52
N ALA E 141 21.75 29.64 -7.19
CA ALA E 141 20.92 30.45 -6.34
C ALA E 141 21.12 30.19 -4.86
N THR E 142 21.45 31.25 -4.14
CA THR E 142 21.62 31.19 -2.71
C THR E 142 20.21 31.40 -2.16
N VAL E 143 20.03 31.28 -0.85
CA VAL E 143 18.71 31.49 -0.28
C VAL E 143 18.60 32.95 0.10
N GLU E 144 19.74 33.65 0.08
CA GLU E 144 19.77 35.06 0.41
C GLU E 144 19.31 35.88 -0.77
N ASP E 145 19.12 35.23 -1.92
CA ASP E 145 18.67 35.90 -3.13
C ASP E 145 17.16 36.11 -3.13
N SER E 146 16.47 35.48 -2.19
CA SER E 146 15.03 35.65 -2.09
C SER E 146 14.76 37.09 -1.73
N GLY E 147 13.60 37.59 -2.14
CA GLY E 147 13.26 38.96 -1.85
C GLY E 147 12.25 39.54 -2.82
N THR E 148 12.16 40.87 -2.86
CA THR E 148 11.22 41.50 -3.77
C THR E 148 11.96 42.45 -4.68
N TYR E 149 11.92 42.12 -5.97
CA TYR E 149 12.60 42.88 -6.98
C TYR E 149 11.66 43.79 -7.76
N TYR E 150 12.29 44.70 -8.51
CA TYR E 150 11.64 45.66 -9.41
C TYR E 150 12.78 46.41 -10.10
N CYS E 151 12.50 46.93 -11.30
CA CYS E 151 13.53 47.65 -12.03
C CYS E 151 13.09 49.01 -12.51
N THR E 152 14.07 49.86 -12.76
CA THR E 152 13.81 51.21 -13.24
C THR E 152 14.59 51.36 -14.52
N GLY E 153 14.09 52.21 -15.41
CA GLY E 153 14.76 52.43 -16.67
C GLY E 153 14.19 53.61 -17.43
N LYS E 154 14.96 54.06 -18.42
CA LYS E 154 14.55 55.17 -19.24
C LYS E 154 14.00 54.68 -20.58
N VAL E 155 12.79 55.11 -20.93
CA VAL E 155 12.17 54.73 -22.20
C VAL E 155 11.96 56.01 -22.99
N TRP E 156 12.43 56.04 -24.23
CA TRP E 156 12.31 57.24 -25.05
C TRP E 156 13.15 58.28 -24.34
N GLN E 157 12.49 59.07 -23.50
CA GLN E 157 13.20 60.10 -22.76
C GLN E 157 12.66 60.28 -21.35
N LEU E 158 11.83 59.36 -20.90
CA LEU E 158 11.27 59.44 -19.55
C LEU E 158 11.62 58.24 -18.69
N ASP E 159 11.62 58.45 -17.38
CA ASP E 159 11.95 57.40 -16.43
C ASP E 159 10.70 56.64 -15.99
N TYR E 160 10.84 55.32 -15.84
CA TYR E 160 9.72 54.48 -15.43
C TYR E 160 10.11 53.38 -14.44
N GLU E 161 9.18 53.07 -13.55
CA GLU E 161 9.38 52.06 -12.52
C GLU E 161 8.40 50.92 -12.76
N SER E 162 8.88 49.69 -12.54
CA SER E 162 8.09 48.49 -12.76
C SER E 162 7.35 48.00 -11.52
N GLU E 163 6.41 47.08 -11.74
CA GLU E 163 5.65 46.53 -10.65
C GLU E 163 6.64 45.66 -9.88
N PRO E 164 6.53 45.66 -8.56
CA PRO E 164 7.44 44.85 -7.76
C PRO E 164 7.09 43.38 -7.92
N LEU E 165 8.05 42.51 -7.69
CA LEU E 165 7.80 41.09 -7.83
C LEU E 165 8.51 40.29 -6.75
N ASN E 166 7.74 39.47 -6.01
CA ASN E 166 8.32 38.66 -4.94
C ASN E 166 8.92 37.35 -5.42
N ILE E 167 10.09 37.01 -4.90
CA ILE E 167 10.77 35.79 -5.31
C ILE E 167 11.26 35.01 -4.14
N THR E 168 10.95 33.72 -4.13
CA THR E 168 11.39 32.91 -3.02
C THR E 168 12.28 31.77 -3.44
N VAL E 169 13.31 31.55 -2.66
CA VAL E 169 14.27 30.48 -2.88
C VAL E 169 14.19 29.58 -1.65
N ILE E 170 13.56 28.42 -1.79
CA ILE E 170 13.41 27.50 -0.68
C ILE E 170 14.61 26.58 -0.64
N LYS E 171 14.72 25.76 0.40
CA LYS E 171 15.85 24.85 0.50
C LYS E 171 15.43 23.41 0.75
C1 NAG F . -21.13 23.23 11.76
C2 NAG F . -20.95 23.41 10.28
C3 NAG F . -22.16 24.14 9.70
C4 NAG F . -23.51 23.56 10.15
C5 NAG F . -23.50 23.19 11.64
C6 NAG F . -24.67 22.31 12.03
C7 NAG F . -19.09 24.02 8.85
C8 NAG F . -17.90 24.94 8.60
N2 NAG F . -19.75 24.18 10.00
O3 NAG F . -22.08 24.12 8.28
O4 NAG F . -24.51 24.58 9.94
O5 NAG F . -22.31 22.48 12.01
O6 NAG F . -24.42 20.95 11.67
O7 NAG F . -19.37 23.16 8.03
C1 NAG F . -25.42 24.41 8.91
C2 NAG F . -26.81 24.61 9.46
C3 NAG F . -27.87 24.68 8.35
C4 NAG F . -27.50 25.61 7.20
C5 NAG F . -26.04 25.33 6.77
C6 NAG F . -25.51 26.33 5.77
C7 NAG F . -27.50 23.80 11.64
C8 NAG F . -27.90 22.62 12.51
N2 NAG F . -27.14 23.53 10.38
O3 NAG F . -29.09 25.11 8.91
O4 NAG F . -28.44 25.30 6.13
O5 NAG F . -25.15 25.40 7.91
O6 NAG F . -24.50 25.75 4.94
O7 NAG F . -27.49 24.94 12.09
C1 BMA F . -28.55 26.11 5.00
C2 BMA F . -29.24 25.28 3.87
C3 BMA F . -29.46 26.16 2.64
C4 BMA F . -30.23 27.42 3.00
C5 BMA F . -29.53 28.17 4.17
C6 BMA F . -30.28 29.41 4.64
O2 BMA F . -30.46 24.73 4.36
O3 BMA F . -30.14 25.47 1.59
O4 BMA F . -30.30 28.23 1.85
O5 BMA F . -29.35 27.29 5.31
O6 BMA F . -31.17 29.15 5.70
C1 NAG G . -12.85 32.34 28.68
C2 NAG G . -14.07 33.06 28.17
C3 NAG G . -13.79 33.56 26.74
C4 NAG G . -12.48 34.38 26.71
C5 NAG G . -11.34 33.64 27.41
C6 NAG G . -10.15 34.57 27.63
C7 NAG G . -16.41 32.56 28.63
C8 NAG G . -17.60 31.67 28.33
N2 NAG G . -15.22 32.16 28.18
O3 NAG G . -14.88 34.37 26.29
O4 NAG G . -12.08 34.64 25.36
O5 NAG G . -11.74 33.22 28.71
O6 NAG G . -8.97 34.00 27.13
O7 NAG G . -16.57 33.60 29.25
C1 NAG G . -12.07 35.97 25.02
C2 NAG G . -11.10 36.21 23.85
C3 NAG G . -11.18 37.67 23.41
C4 NAG G . -12.63 38.05 23.10
C5 NAG G . -13.52 37.76 24.31
C6 NAG G . -15.00 38.08 24.08
C7 NAG G . -8.93 35.23 23.52
C8 NAG G . -7.54 34.91 24.05
N2 NAG G . -9.74 35.93 24.29
O3 NAG G . -10.37 37.86 22.26
O4 NAG G . -12.71 39.47 22.75
O5 NAG G . -13.41 36.36 24.67
O6 NAG G . -15.55 37.34 23.00
O7 NAG G . -9.26 34.83 22.40
C1 MAN G . -13.32 39.68 21.53
C2 MAN G . -12.34 39.60 20.36
C3 MAN G . -12.14 40.88 19.52
C4 MAN G . -13.46 41.64 19.40
C5 MAN G . -13.90 41.97 20.84
C6 MAN G . -15.13 42.93 20.87
O2 MAN G . -12.74 38.52 19.52
O3 MAN G . -11.64 40.51 18.22
O4 MAN G . -13.26 42.84 18.67
O5 MAN G . -14.28 40.78 21.56
O6 MAN G . -16.36 42.21 20.77
C1 MAN G . -11.05 41.43 17.32
C2 MAN G . -10.06 40.66 16.45
C3 MAN G . -8.79 40.38 17.27
C4 MAN G . -8.17 41.69 17.72
C5 MAN G . -9.16 42.41 18.61
C6 MAN G . -8.63 43.80 18.94
O2 MAN G . -9.74 41.39 15.28
O3 MAN G . -7.86 39.66 16.51
O4 MAN G . -6.97 41.45 18.44
O5 MAN G . -10.45 42.60 17.93
O6 MAN G . -8.50 44.61 17.78
C1 NAG H . -23.23 12.03 23.03
C2 NAG H . -23.41 12.85 21.76
C3 NAG H . -23.20 11.95 20.54
C4 NAG H . -21.92 11.07 20.62
C5 NAG H . -21.71 10.51 22.03
C6 NAG H . -20.31 9.94 22.20
C7 NAG H . -24.91 14.75 21.77
C8 NAG H . -26.34 15.28 21.66
N2 NAG H . -24.74 13.42 21.74
O3 NAG H . -23.13 12.76 19.38
O4 NAG H . -22.10 9.94 19.74
O5 NAG H . -21.90 11.50 23.06
O6 NAG H . -20.09 9.45 23.53
O7 NAG H . -23.98 15.54 21.87
C1 NAG H . -21.66 9.90 18.42
C2 NAG H . -21.39 8.42 18.09
C3 NAG H . -21.12 8.21 16.61
C4 NAG H . -22.33 8.73 15.84
C5 NAG H . -22.52 10.21 16.17
C6 NAG H . -23.68 10.82 15.43
C7 NAG H . -20.52 7.17 19.96
C8 NAG H . -19.33 6.88 20.87
N2 NAG H . -20.29 7.90 18.87
O3 NAG H . -20.93 6.83 16.36
O4 NAG H . -22.13 8.54 14.44
O5 NAG H . -22.75 10.40 17.59
O6 NAG H . -24.00 12.11 15.93
O7 NAG H . -21.62 6.74 20.26
C1 NAG I . 7.72 33.16 19.69
C2 NAG I . 7.07 34.37 20.30
C3 NAG I . 7.85 35.58 19.87
C4 NAG I . 9.34 35.43 20.21
C5 NAG I . 9.88 34.07 19.73
C6 NAG I . 11.28 33.74 20.16
C7 NAG I . 4.70 33.99 20.56
C8 NAG I . 3.30 33.98 19.94
N2 NAG I . 5.70 34.47 19.81
O3 NAG I . 7.34 36.74 20.50
O4 NAG I . 10.05 36.49 19.54
O5 NAG I . 9.04 33.02 20.21
O6 NAG I . 11.60 32.40 19.82
O7 NAG I . 4.86 33.56 21.70
C1 NAG I . 11.04 37.20 20.21
C2 NAG I . 11.04 38.64 19.71
C3 NAG I . 12.17 39.39 20.37
C4 NAG I . 12.01 39.32 21.89
C5 NAG I . 11.77 37.89 22.39
C6 NAG I . 11.29 37.91 23.83
C7 NAG I . 10.13 39.05 17.52
C8 NAG I . 10.36 39.24 16.03
N2 NAG I . 11.16 38.66 18.26
O3 NAG I . 12.14 40.74 19.96
O4 NAG I . 13.18 39.84 22.52
O5 NAG I . 10.74 37.23 21.62
O6 NAG I . 11.81 39.03 24.53
O7 NAG I . 9.01 39.25 18.00
C1 NAG J . -7.38 4.37 -17.82
C2 NAG J . -8.69 5.13 -18.11
C3 NAG J . -9.19 4.87 -19.55
C4 NAG J . -8.07 5.06 -20.57
C5 NAG J . -6.82 4.31 -20.14
C6 NAG J . -5.69 4.62 -21.10
C7 NAG J . -10.43 5.75 -16.55
C8 NAG J . -11.64 5.32 -15.74
N2 NAG J . -9.71 4.79 -17.12
O3 NAG J . -10.25 5.76 -19.90
O4 NAG J . -8.49 4.55 -21.85
O5 NAG J . -6.41 4.71 -18.82
O6 NAG J . -4.95 3.46 -21.46
O7 NAG J . -10.15 6.94 -16.68
C1 NAG J . -8.75 5.49 -22.83
C2 NAG J . -8.47 4.85 -24.20
C3 NAG J . -8.86 5.80 -25.32
C4 NAG J . -10.32 6.24 -25.16
C5 NAG J . -10.49 6.84 -23.76
C6 NAG J . -11.90 7.30 -23.47
C7 NAG J . -6.64 3.39 -24.85
C8 NAG J . -5.16 3.22 -25.11
N2 NAG J . -7.05 4.52 -24.28
O3 NAG J . -8.66 5.16 -26.57
O4 NAG J . -10.63 7.23 -26.17
O5 NAG J . -10.13 5.88 -22.74
O6 NAG J . -12.83 6.24 -23.59
O7 NAG J . -7.42 2.49 -25.15
C1 BMA J . -11.72 6.99 -27.00
C2 BMA J . -12.73 8.15 -26.86
C3 BMA J . -13.86 8.00 -27.91
C4 BMA J . -13.26 7.87 -29.29
C5 BMA J . -12.30 6.69 -29.32
C6 BMA J . -11.66 6.46 -30.68
O2 BMA J . -12.09 9.42 -27.01
O3 BMA J . -14.75 9.12 -27.86
O4 BMA J . -14.31 7.67 -30.24
O5 BMA J . -11.24 6.91 -28.36
O6 BMA J . -10.68 7.45 -30.97
C1 NAG K . 6.76 -4.19 -33.14
C2 NAG K . 6.35 -2.72 -33.03
C3 NAG K . 6.97 -1.90 -34.14
C4 NAG K . 8.47 -2.16 -34.25
C5 NAG K . 8.84 -3.66 -34.20
C6 NAG K . 10.34 -3.84 -34.01
C7 NAG K . 4.16 -2.73 -31.99
C8 NAG K . 2.65 -2.75 -32.17
N2 NAG K . 4.90 -2.65 -33.09
O3 NAG K . 6.75 -0.52 -33.89
O4 NAG K . 8.92 -1.63 -35.50
O5 NAG K . 8.19 -4.30 -33.08
O6 NAG K . 10.68 -5.19 -33.73
O7 NAG K . 4.64 -2.80 -30.85
C1 NAG K . 9.88 -0.65 -35.41
C2 NAG K . 10.65 -0.58 -36.72
C3 NAG K . 11.71 0.51 -36.57
C4 NAG K . 11.03 1.84 -36.24
C5 NAG K . 10.14 1.68 -34.98
C6 NAG K . 9.30 2.91 -34.72
C7 NAG K . 10.71 -2.65 -37.94
C8 NAG K . 11.37 -4.01 -38.17
N2 NAG K . 11.26 -1.86 -37.02
O3 NAG K . 12.44 0.63 -37.79
O4 NAG K . 12.01 2.84 -36.01
O5 NAG K . 9.22 0.59 -35.16
O6 NAG K . 7.92 2.64 -34.90
O7 NAG K . 9.72 -2.34 -38.61
C1 NAG L . 4.74 6.06 28.21
C2 NAG L . 3.61 6.65 29.01
C3 NAG L . 3.85 8.16 29.29
C4 NAG L . 5.25 8.40 29.86
C5 NAG L . 6.31 7.69 29.01
C6 NAG L . 7.72 7.77 29.58
C7 NAG L . 1.26 6.13 28.88
C8 NAG L . 0.01 6.02 28.01
N2 NAG L . 2.37 6.50 28.27
O3 NAG L . 2.86 8.63 30.21
O4 NAG L . 5.51 9.81 29.91
O5 NAG L . 5.99 6.29 28.87
O6 NAG L . 7.89 6.91 30.69
O7 NAG L . 1.20 5.91 30.07
C1 NAG L . 5.64 10.32 31.17
C2 NAG L . 6.85 11.23 31.23
C3 NAG L . 6.99 11.74 32.65
C4 NAG L . 5.71 12.46 33.08
C5 NAG L . 4.48 11.56 32.84
C6 NAG L . 3.18 12.30 33.06
C7 NAG L . 8.90 11.03 29.94
C8 NAG L . 10.15 10.23 29.62
N2 NAG L . 8.06 10.51 30.84
O3 NAG L . 8.09 12.63 32.76
O4 NAG L . 5.79 12.80 34.47
O5 NAG L . 4.46 11.07 31.47
O6 NAG L . 2.21 11.46 33.66
O7 NAG L . 8.69 12.10 29.38
C1 NAG M . 2.24 -4.35 9.75
C2 NAG M . 1.82 -2.89 9.58
C3 NAG M . 0.62 -2.65 10.50
C4 NAG M . -0.50 -3.63 10.15
C5 NAG M . -0.02 -5.06 10.18
C6 NAG M . -1.07 -5.97 9.58
C7 NAG M . 3.19 -0.95 9.16
C8 NAG M . 4.20 0.08 9.68
N2 NAG M . 2.92 -1.99 9.93
O3 NAG M . 0.15 -1.32 10.40
O4 NAG M . -1.53 -3.50 11.13
O5 NAG M . 1.16 -5.22 9.37
O6 NAG M . -1.05 -7.26 10.19
O7 NAG M . 2.66 -0.76 8.06
C1 NAG M . -2.76 -3.11 10.68
C2 NAG M . -3.81 -3.64 11.67
C3 NAG M . -5.18 -3.05 11.36
C4 NAG M . -5.14 -1.53 11.22
C5 NAG M . -4.03 -1.13 10.23
C6 NAG M . -3.86 0.36 10.11
C7 NAG M . -3.98 -5.81 12.69
C8 NAG M . -4.11 -7.31 12.51
N2 NAG M . -3.88 -5.08 11.58
O3 NAG M . -6.10 -3.40 12.37
O4 NAG M . -6.41 -1.10 10.71
O5 NAG M . -2.76 -1.67 10.66
O6 NAG M . -3.14 0.90 11.21
O7 NAG M . -3.97 -5.32 13.84
C1 BMA M . -7.01 -0.03 11.34
C2 BMA M . -7.12 1.12 10.35
C3 BMA M . -8.01 2.24 10.90
C4 BMA M . -9.34 1.68 11.38
C5 BMA M . -9.09 0.56 12.38
C6 BMA M . -10.37 -0.08 12.87
O2 BMA M . -7.62 0.66 9.10
O3 BMA M . -8.25 3.23 9.91
O4 BMA M . -10.08 2.72 11.99
O5 BMA M . -8.31 -0.48 11.76
O6 BMA M . -10.82 -1.10 11.97
C1 NAG N . -9.38 -21.00 19.01
C2 NAG N . -9.88 -20.19 17.80
C3 NAG N . -11.20 -20.77 17.32
C4 NAG N . -11.09 -22.27 17.07
C5 NAG N . -10.43 -23.00 18.28
C6 NAG N . -10.13 -24.46 18.02
C7 NAG N . -9.02 -17.96 18.02
C8 NAG N . -9.22 -16.53 18.51
N2 NAG N . -10.03 -18.81 18.17
O3 NAG N . -11.60 -20.11 16.13
O4 NAG N . -12.40 -22.81 16.85
O5 NAG N . -9.20 -22.36 18.61
O6 NAG N . -9.61 -25.09 19.19
O7 NAG N . -7.93 -18.28 17.52
C1 NAG N . -12.55 -23.57 15.70
C2 NAG N . -13.78 -24.46 15.85
C3 NAG N . -13.96 -25.27 14.55
C4 NAG N . -14.07 -24.32 13.36
C5 NAG N . -12.85 -23.38 13.33
C6 NAG N . -12.97 -22.32 12.24
C7 NAG N . -14.28 -25.09 18.11
C8 NAG N . -14.05 -26.03 19.29
N2 NAG N . -13.61 -25.34 16.99
O3 NAG N . -15.13 -26.07 14.65
O4 NAG N . -14.12 -25.08 12.16
O5 NAG N . -12.73 -22.68 14.59
O6 NAG N . -13.24 -21.04 12.79
O7 NAG N . -15.07 -24.16 18.23
C1 NAG O . 2.48 -26.54 -13.97
C2 NAG O . 2.36 -25.21 -13.25
C3 NAG O . 1.63 -24.19 -14.14
C4 NAG O . 2.26 -24.12 -15.55
C5 NAG O . 2.42 -25.53 -16.14
C6 NAG O . 3.13 -25.58 -17.46
C7 NAG O . 1.88 -24.58 -10.96
C8 NAG O . 0.92 -24.69 -9.79
N2 NAG O . 1.67 -25.39 -11.99
O3 NAG O . 1.65 -22.90 -13.54
O4 NAG O . 1.41 -23.33 -16.41
O5 NAG O . 3.16 -26.37 -15.22
O6 NAG O . 4.52 -25.39 -17.31
O7 NAG O . 2.80 -23.77 -10.93
C1 NAG O . 1.98 -22.14 -16.88
C2 NAG O . 1.53 -21.90 -18.34
C3 NAG O . 1.99 -20.52 -18.83
C4 NAG O . 1.54 -19.43 -17.85
C5 NAG O . 2.03 -19.77 -16.44
C6 NAG O . 1.58 -18.77 -15.39
C7 NAG O . 1.37 -23.96 -19.59
C8 NAG O . 2.08 -25.06 -20.36
N2 NAG O . 2.11 -22.93 -19.18
O3 NAG O . 1.44 -20.28 -20.11
O4 NAG O . 2.04 -18.13 -18.28
O5 NAG O . 1.52 -21.07 -16.04
O6 NAG O . 2.66 -18.33 -14.58
O7 NAG O . 0.16 -24.05 -19.36
C1 BMA O . 1.20 -17.29 -19.03
C2 BMA O . -0.29 -17.67 -18.84
C3 BMA O . -1.20 -16.61 -19.49
C4 BMA O . -0.86 -15.24 -18.91
C5 BMA O . 0.59 -14.95 -19.27
C6 BMA O . 1.07 -13.55 -18.89
O2 BMA O . -0.58 -17.75 -17.45
O3 BMA O . -2.56 -16.92 -19.29
O4 BMA O . -1.73 -14.26 -19.47
O5 BMA O . 1.47 -15.92 -18.63
O6 BMA O . 1.44 -13.50 -17.52
C1 NAG P . -9.51 -42.92 -10.58
C2 NAG P . -10.18 -41.81 -11.33
C3 NAG P . -10.32 -40.57 -10.40
C4 NAG P . -11.11 -40.95 -9.17
C5 NAG P . -10.51 -42.20 -8.51
C6 NAG P . -11.47 -42.70 -7.43
C7 NAG P . -10.01 -41.37 -13.68
C8 NAG P . -9.15 -40.94 -14.85
N2 NAG P . -9.41 -41.48 -12.51
O3 NAG P . -11.03 -39.52 -11.08
O4 NAG P . -11.11 -39.84 -8.24
O5 NAG P . -10.33 -43.29 -9.47
O6 NAG P . -11.11 -42.23 -6.14
O7 NAG P . -11.21 -41.60 -13.84
C1 NAG P . -12.32 -39.20 -7.95
C2 NAG P . -12.13 -38.40 -6.66
C3 NAG P . -13.35 -37.54 -6.36
C4 NAG P . -13.71 -36.67 -7.55
C5 NAG P . -13.83 -37.53 -8.83
C6 NAG P . -14.03 -36.69 -10.08
C7 NAG P . -10.86 -39.07 -4.73
C8 NAG P . -10.60 -40.07 -3.61
N2 NAG P . -11.87 -39.30 -5.56
O3 NAG P . -13.08 -36.70 -5.25
O4 NAG P . -14.96 -36.00 -7.29
O5 NAG P . -12.63 -38.32 -9.04
O6 NAG P . -12.90 -35.85 -10.33
O7 NAG P . -10.13 -38.09 -4.84
C1 BMA P . -15.05 -34.62 -7.48
C2 BMA P . -16.30 -34.30 -8.32
C3 BMA P . -16.54 -32.79 -8.41
C4 BMA P . -16.53 -32.15 -7.02
C5 BMA P . -15.25 -32.54 -6.29
C6 BMA P . -15.18 -31.97 -4.88
O2 BMA P . -17.46 -34.93 -7.76
O3 BMA P . -17.78 -32.51 -9.05
O4 BMA P . -16.61 -30.75 -7.14
O5 BMA P . -15.13 -33.98 -6.19
O6 BMA P . -15.93 -32.76 -3.97
C1 NAG Q . -7.36 -42.62 11.44
C2 NAG Q . -8.74 -42.61 10.80
C3 NAG Q . -9.78 -42.67 11.87
C4 NAG Q . -9.55 -43.85 12.81
C5 NAG Q . -8.09 -43.85 13.32
C6 NAG Q . -7.73 -45.09 14.13
C7 NAG Q . -8.46 -41.34 8.76
C8 NAG Q . -8.49 -39.99 8.06
N2 NAG Q . -8.88 -41.40 10.01
O3 NAG Q . -11.07 -42.77 11.29
O4 NAG Q . -10.45 -43.72 13.92
O5 NAG Q . -7.17 -43.80 12.22
O6 NAG Q . -6.36 -45.06 14.51
O7 NAG Q . -8.05 -42.33 8.15
C1 NAG Q . -11.32 -44.78 14.13
C2 NAG Q . -11.86 -44.72 15.56
C3 NAG Q . -12.81 -45.90 15.78
C4 NAG Q . -13.92 -45.88 14.72
C5 NAG Q . -13.32 -45.80 13.31
C6 NAG Q . -14.39 -45.60 12.24
C7 NAG Q . -10.39 -43.65 17.15
C8 NAG Q . -9.19 -43.74 18.08
N2 NAG Q . -10.76 -44.76 16.52
O3 NAG Q . -13.38 -45.83 17.07
O4 NAG Q . -14.72 -47.04 14.84
O5 NAG Q . -12.40 -44.69 13.20
O6 NAG Q . -14.31 -44.32 11.65
O7 NAG Q . -10.98 -42.57 17.02
C1 NAG R . -9.10 33.00 -15.77
C2 NAG R . -9.67 34.02 -16.76
C3 NAG R . -8.79 35.28 -16.74
C4 NAG R . -8.69 35.83 -15.32
C5 NAG R . -8.19 34.70 -14.39
C6 NAG R . -8.10 35.09 -12.93
C7 NAG R . -10.80 33.23 -18.72
C8 NAG R . -10.71 32.70 -20.13
N2 NAG R . -9.67 33.44 -18.08
O3 NAG R . -9.34 36.26 -17.60
O4 NAG R . -7.75 36.96 -15.32
O5 NAG R . -9.07 33.56 -14.47
O6 NAG R . -6.80 34.92 -12.39
O7 NAG R . -11.90 33.45 -18.21
C1 NAG R . -8.30 38.21 -15.05
C2 NAG R . -7.26 39.16 -14.43
C3 NAG R . -7.92 40.52 -14.18
C4 NAG R . -8.51 41.07 -15.48
C5 NAG R . -9.49 40.03 -16.06
C6 NAG R . -10.09 40.45 -17.38
C7 NAG R . -5.44 38.60 -12.94
C8 NAG R . -4.99 38.11 -11.58
N2 NAG R . -6.75 38.62 -13.18
O3 NAG R . -6.97 41.44 -13.64
O4 NAG R . -9.22 42.30 -15.20
O5 NAG R . -8.81 38.77 -16.27
O6 NAG R . -9.10 40.60 -18.37
O7 NAG R . -4.60 38.95 -13.77
C1 BMA R . -8.95 43.39 -16.02
C2 BMA R . -10.13 43.65 -16.96
C3 BMA R . -9.87 44.92 -17.78
C4 BMA R . -9.56 46.09 -16.83
C5 BMA R . -8.37 45.71 -15.96
C6 BMA R . -7.98 46.81 -14.98
O2 BMA R . -11.33 43.78 -16.22
O3 BMA R . -11.00 45.23 -18.58
O4 BMA R . -9.26 47.25 -17.58
O5 BMA R . -8.71 44.53 -15.19
O6 BMA R . -7.22 46.27 -13.89
C1 MAN R . -6.24 47.15 -13.37
C2 MAN R . -6.12 46.95 -11.84
C3 MAN R . -7.30 47.60 -11.10
C4 MAN R . -7.51 49.05 -11.53
C5 MAN R . -7.65 49.11 -13.04
C6 MAN R . -7.79 50.52 -13.54
O2 MAN R . -4.90 47.50 -11.40
O3 MAN R . -7.12 47.53 -9.69
O4 MAN R . -8.67 49.57 -10.90
O5 MAN R . -6.48 48.54 -13.68
O6 MAN R . -6.53 51.16 -13.61
C1 NAG S . -6.02 12.93 42.78
C2 NAG S . -4.52 12.61 42.61
C3 NAG S . -3.83 12.59 43.98
C4 NAG S . -4.14 13.87 44.78
C5 NAG S . -5.65 14.08 44.85
C6 NAG S . -6.01 15.37 45.54
C7 NAG S . -3.23 11.05 41.27
C8 NAG S . -3.16 9.71 40.56
N2 NAG S . -4.34 11.33 41.95
O3 NAG S . -2.43 12.49 43.81
O4 NAG S . -3.61 13.75 46.08
O5 NAG S . -6.20 14.14 43.51
O6 NAG S . -7.35 15.73 45.27
O7 NAG S . -2.29 11.84 41.19
C1 NAG T . -5.01 18.19 5.14
C2 NAG T . -5.33 17.10 6.18
C3 NAG T . -6.59 16.29 5.84
C4 NAG T . -7.74 17.22 5.42
C5 NAG T . -7.25 18.14 4.30
C6 NAG T . -8.36 19.07 3.84
C7 NAG T . -3.58 15.96 7.38
C8 NAG T . -2.28 15.16 7.32
N2 NAG T . -4.21 16.17 6.24
O3 NAG T . -7.00 15.55 6.98
O4 NAG T . -8.84 16.44 4.97
O5 NAG T . -6.17 18.96 4.81
O6 NAG T . -8.70 18.80 2.49
O7 NAG T . -3.99 16.36 8.47
C1 NAG U . 13.61 9.36 15.68
C2 NAG U . 14.66 9.88 14.69
C3 NAG U . 16.03 9.56 15.26
C4 NAG U . 16.19 10.22 16.63
C5 NAG U . 15.01 9.88 17.57
C6 NAG U . 15.01 10.74 18.80
C7 NAG U . 14.55 10.05 12.31
C8 NAG U . 14.38 9.38 10.95
N2 NAG U . 14.49 9.29 13.39
O3 NAG U . 17.05 10.04 14.38
O4 NAG U . 17.42 9.81 17.22
O5 NAG U . 13.74 10.09 16.90
O6 NAG U . 13.69 11.13 19.14
O7 NAG U . 14.73 11.27 12.35
C1 NAG V . -21.06 -12.00 -21.81
C2 NAG V . -21.86 -12.65 -20.67
C3 NAG V . -23.25 -13.06 -21.16
C4 NAG V . -23.96 -11.87 -21.83
C5 NAG V . -23.06 -11.26 -22.92
C6 NAG V . -23.65 -10.01 -23.55
C7 NAG V . -21.38 -14.30 -18.97
C8 NAG V . -20.71 -15.62 -18.61
N2 NAG V . -21.15 -13.82 -20.19
O3 NAG V . -24.04 -13.51 -20.06
O4 NAG V . -25.17 -12.33 -22.42
O5 NAG V . -21.79 -10.89 -22.36
O6 NAG V . -23.73 -8.94 -22.60
O7 NAG V . -22.09 -13.72 -18.14
C1 NAG W . 5.52 -4.36 -0.21
C2 NAG W . 6.03 -3.13 -0.99
C3 NAG W . 6.26 -1.96 -0.01
C4 NAG W . 5.01 -1.70 0.84
C5 NAG W . 4.50 -3.01 1.50
C6 NAG W . 3.18 -2.85 2.23
C7 NAG W . 7.56 -2.95 -2.84
C8 NAG W . 8.80 -3.46 -3.53
N2 NAG W . 7.27 -3.49 -1.66
O3 NAG W . 6.59 -0.79 -0.75
O4 NAG W . 5.32 -0.74 1.85
O5 NAG W . 4.31 -4.02 0.48
O6 NAG W . 2.61 -4.10 2.54
O7 NAG W . 6.86 -2.07 -3.37
C1 NAG X . -11.08 -22.59 -32.19
C2 NAG X . -11.53 -22.54 -30.71
C3 NAG X . -13.03 -22.89 -30.56
C4 NAG X . -13.90 -22.16 -31.58
C5 NAG X . -13.32 -22.39 -32.98
C6 NAG X . -14.14 -21.74 -34.08
C7 NAG X . -9.95 -23.14 -28.98
C8 NAG X . -9.12 -24.22 -28.31
N2 NAG X . -10.74 -23.51 -29.97
O3 NAG X . -13.47 -22.57 -29.26
O4 NAG X . -15.24 -22.66 -31.53
O5 NAG X . -11.97 -21.85 -33.03
O6 NAG X . -14.80 -22.72 -34.88
O7 NAG X . -9.88 -21.97 -28.58
C1 NAG Y . 7.72 -29.58 -29.85
C2 NAG Y . 9.18 -30.07 -29.67
C3 NAG Y . 9.58 -30.99 -30.83
C4 NAG Y . 8.57 -32.15 -30.93
C5 NAG Y . 7.14 -31.60 -31.07
C6 NAG Y . 6.07 -32.69 -31.07
C7 NAG Y . 10.87 -28.78 -28.51
C8 NAG Y . 11.79 -27.58 -28.51
N2 NAG Y . 10.09 -28.94 -29.58
O3 NAG Y . 10.89 -31.49 -30.58
O4 NAG Y . 8.88 -32.96 -32.05
O5 NAG Y . 6.83 -30.71 -29.97
O6 NAG Y . 4.95 -32.36 -30.25
O7 NAG Y . 10.85 -29.55 -27.55
C1 NAG Z . 20.20 3.65 23.69
C2 NAG Z . 19.92 5.15 23.76
C3 NAG Z . 19.97 5.64 25.21
C4 NAG Z . 18.97 4.83 26.06
C5 NAG Z . 19.28 3.32 25.91
C6 NAG Z . 18.28 2.45 26.63
C7 NAG Z . 20.56 6.33 21.74
C8 NAG Z . 21.63 7.09 20.98
N2 NAG Z . 20.89 5.87 22.96
O3 NAG Z . 19.61 7.02 25.25
O4 NAG Z . 19.07 5.21 27.43
O5 NAG Z . 19.25 2.92 24.51
O6 NAG Z . 18.57 1.07 26.43
O7 NAG Z . 19.44 6.17 21.24
C1 NAG AA . 21.73 -19.14 10.12
C2 NAG AA . 21.94 -20.36 11.02
C3 NAG AA . 22.68 -21.47 10.25
C4 NAG AA . 22.01 -21.77 8.91
C5 NAG AA . 21.80 -20.46 8.11
C6 NAG AA . 20.97 -20.68 6.86
C7 NAG AA . 22.50 -20.63 13.37
C8 NAG AA . 23.31 -20.16 14.57
N2 NAG AA . 22.69 -20.00 12.22
O3 NAG AA . 22.68 -22.66 11.04
O4 NAG AA . 22.82 -22.66 8.17
O5 NAG AA . 21.07 -19.51 8.91
O6 NAG AA . 20.38 -19.46 6.40
O7 NAG AA . 21.72 -21.57 13.48
C1 NAG BA . 3.61 -29.98 36.76
C2 NAG BA . 4.65 -30.65 37.69
C3 NAG BA . 4.86 -32.08 37.23
C4 NAG BA . 3.51 -32.83 37.29
C5 NAG BA . 2.48 -32.08 36.41
C6 NAG BA . 1.08 -32.68 36.50
C7 NAG BA . 6.50 -29.51 38.78
C8 NAG BA . 7.81 -28.78 38.64
N2 NAG BA . 5.92 -29.93 37.65
O3 NAG BA . 5.79 -32.73 38.09
O4 NAG BA . 3.68 -34.16 36.83
O5 NAG BA . 2.37 -30.70 36.81
O6 NAG BA . 0.09 -31.68 36.69
O7 NAG BA . 6.02 -29.71 39.90
C1 NAG CA . 5.59 -61.78 -13.27
C2 NAG CA . 5.53 -62.67 -12.05
C3 NAG CA . 4.86 -64.01 -12.38
C4 NAG CA . 3.51 -63.79 -13.07
C5 NAG CA . 3.67 -62.83 -14.26
C6 NAG CA . 2.32 -62.48 -14.90
C7 NAG CA . 7.07 -63.16 -10.26
C8 NAG CA . 8.50 -63.25 -9.79
N2 NAG CA . 6.88 -62.91 -11.55
O3 NAG CA . 4.66 -64.75 -11.18
O4 NAG CA . 2.99 -65.03 -13.54
O5 NAG CA . 4.27 -61.59 -13.82
O6 NAG CA . 2.43 -61.35 -15.75
O7 NAG CA . 6.14 -63.31 -9.47
C1 NAG DA . 10.41 -26.97 4.31
C2 NAG DA . 10.89 -28.10 3.41
C3 NAG DA . 11.31 -27.56 2.00
C4 NAG DA . 10.24 -26.63 1.42
C5 NAG DA . 9.83 -25.57 2.46
C6 NAG DA . 8.70 -24.65 1.97
C7 NAG DA . 12.17 -29.97 4.26
C8 NAG DA . 13.29 -30.43 5.17
N2 NAG DA . 12.08 -28.66 4.02
O3 NAG DA . 11.50 -28.67 1.11
O4 NAG DA . 10.75 -26.01 0.24
O5 NAG DA . 9.37 -26.22 3.68
O6 NAG DA . 8.98 -23.28 2.27
O7 NAG DA . 11.39 -30.78 3.77
C1 NAG EA . 16.16 -45.63 15.80
C2 NAG EA . 16.84 -45.63 17.17
C3 NAG EA . 16.53 -46.91 17.92
C4 NAG EA . 15.02 -47.09 18.02
C5 NAG EA . 14.34 -46.98 16.63
C6 NAG EA . 12.83 -46.91 16.73
C7 NAG EA . 18.80 -44.27 17.06
C8 NAG EA . 19.85 -43.98 16.01
N2 NAG EA . 18.26 -45.48 17.01
O3 NAG EA . 17.09 -46.81 19.22
O4 NAG EA . 14.73 -48.37 18.57
O5 NAG EA . 14.74 -45.77 15.96
O6 NAG EA . 12.43 -46.41 18.01
O7 NAG EA . 18.48 -43.41 17.90
C1 NAG FA . 5.96 35.54 -31.83
C2 NAG FA . 6.18 34.09 -32.23
C3 NAG FA . 7.45 33.93 -33.06
C4 NAG FA . 7.39 34.88 -34.26
C5 NAG FA . 7.18 36.32 -33.76
C6 NAG FA . 7.07 37.37 -34.88
C7 NAG FA . 5.92 31.99 -31.06
C8 NAG FA . 6.18 31.20 -29.79
N2 NAG FA . 6.28 33.26 -31.03
O3 NAG FA . 7.53 32.59 -33.54
O4 NAG FA . 8.62 34.81 -34.95
O5 NAG FA . 5.96 36.41 -32.96
O6 NAG FA . 6.09 36.98 -35.84
O7 NAG FA . 5.41 31.44 -32.05
C1 NAG GA . -2.37 9.87 -9.98
C2 NAG GA . -1.29 10.04 -8.90
C3 NAG GA . -1.69 9.24 -7.67
C4 NAG GA . -3.11 9.60 -7.19
C5 NAG GA . -4.12 9.58 -8.37
C6 NAG GA . -5.49 10.11 -8.03
C7 NAG GA . 1.11 9.98 -8.89
C8 NAG GA . 2.40 9.43 -9.49
N2 NAG GA . -0.03 9.57 -9.42
O3 NAG GA . -0.77 9.44 -6.62
O4 NAG GA . -3.55 8.70 -6.18
O5 NAG GA . -3.63 10.37 -9.46
O6 NAG GA . -6.29 10.34 -9.17
O7 NAG GA . 1.16 10.78 -7.95
C1 NAG HA . 26.32 27.61 -4.60
C2 NAG HA . 27.75 27.09 -4.67
C3 NAG HA . 28.02 26.26 -3.40
C4 NAG HA . 27.76 27.12 -2.16
C5 NAG HA . 26.35 27.71 -2.20
C6 NAG HA . 26.11 28.71 -1.08
C7 NAG HA . 29.00 26.58 -6.68
C8 NAG HA . 29.17 25.72 -7.93
N2 NAG HA . 27.98 26.30 -5.87
O3 NAG HA . 29.37 25.80 -3.41
O4 NAG HA . 27.92 26.34 -0.99
O5 NAG HA . 26.14 28.43 -3.45
O6 NAG HA . 25.40 29.85 -1.56
O7 NAG HA . 29.80 27.48 -6.45
C1 NAG IA . 5.91 40.44 -1.08
C2 NAG IA . 4.48 40.90 -1.08
C3 NAG IA . 4.24 41.88 0.07
C4 NAG IA . 4.69 41.26 1.40
C5 NAG IA . 6.13 40.73 1.28
C6 NAG IA . 6.58 39.96 2.52
C7 NAG IA . 3.84 40.85 -3.40
C8 NAG IA . 3.74 41.58 -4.73
N2 NAG IA . 4.20 41.56 -2.34
O3 NAG IA . 2.86 42.18 0.15
O4 NAG IA . 4.63 42.25 2.41
O5 NAG IA . 6.23 39.82 0.16
O6 NAG IA . 7.89 39.42 2.34
O7 NAG IA . 3.58 39.66 -3.33
#